data_2GVR
# 
_entry.id   2GVR 
# 
_audit_conform.dict_name       mmcif_pdbx.dic 
_audit_conform.dict_version    5.377 
_audit_conform.dict_location   http://mmcif.pdb.org/dictionaries/ascii/mmcif_pdbx.dic 
# 
loop_
_database_2.database_id 
_database_2.database_code 
_database_2.pdbx_database_accession 
_database_2.pdbx_DOI 
PDB   2GVR         pdb_00002gvr 10.2210/pdb2gvr/pdb 
NDB   DD0081       ?            ?                   
RCSB  RCSB037607   ?            ?                   
WWPDB D_1000037607 ?            ?                   
# 
loop_
_pdbx_database_related.db_name 
_pdbx_database_related.db_id 
_pdbx_database_related.details 
_pdbx_database_related.content_type 
NDB GDL009 'STARTING MODEL: DNA PART OF NDB ENTRY GDL009 OR PDB ENTRY 2DBE' unspecified 
PDB 2DBE   'STARTING MODEL: DNA PART OF NDB ENTRY GDL009 OR PDB ENTRY 2DBE' unspecified 
# 
_pdbx_database_status.status_code                     REL 
_pdbx_database_status.entry_id                        2GVR 
_pdbx_database_status.recvd_initial_deposition_date   2006-05-03 
_pdbx_database_status.deposit_site                    RCSB 
_pdbx_database_status.process_site                    RCSB 
_pdbx_database_status.status_code_sf                  REL 
_pdbx_database_status.status_code_mr                  ? 
_pdbx_database_status.SG_entry                        ? 
_pdbx_database_status.pdb_format_compatible           Y 
_pdbx_database_status.status_code_cs                  ? 
_pdbx_database_status.methods_development_category    ? 
_pdbx_database_status.status_code_nmr_data            ? 
# 
loop_
_audit_author.name 
_audit_author.pdbx_ordinal 
'Lee, M.P.H.'     1 
'Parkinson, G.N.' 2 
'Neidle, S.'      3 
# 
_citation.id                        primary 
_citation.title                     'Crystal structure of the berenil-D(CGCGAATTCGCG)2 complex at 1.65 A resolution.' 
_citation.journal_abbrev            'To be Published' 
_citation.journal_volume            ? 
_citation.page_first                ? 
_citation.page_last                 ? 
_citation.year                      ? 
_citation.journal_id_ASTM           ? 
_citation.country                   ? 
_citation.journal_id_ISSN           ? 
_citation.journal_id_CSD            0353 
_citation.book_publisher            ? 
_citation.pdbx_database_id_PubMed   ? 
_citation.pdbx_database_id_DOI      ? 
# 
loop_
_citation_author.citation_id 
_citation_author.name 
_citation_author.ordinal 
_citation_author.identifier_ORCID 
primary 'Neidle, S.'      1 ? 
primary 'Parkinson, G.N.' 2 ? 
primary 'Lee, M.P.H.'     3 ? 
# 
_cell.entry_id           2GVR 
_cell.length_a           24.124 
_cell.length_b           39.633 
_cell.length_c           65.728 
_cell.angle_alpha        90.00 
_cell.angle_beta         90.00 
_cell.angle_gamma        90.00 
_cell.Z_PDB              8 
_cell.pdbx_unique_axis   ? 
_cell.length_a_esd       ? 
_cell.length_b_esd       ? 
_cell.length_c_esd       ? 
_cell.angle_alpha_esd    ? 
_cell.angle_beta_esd     ? 
_cell.angle_gamma_esd    ? 
# 
_symmetry.entry_id                         2GVR 
_symmetry.space_group_name_H-M             'P 21 21 21' 
_symmetry.pdbx_full_space_group_name_H-M   ? 
_symmetry.cell_setting                     ? 
_symmetry.Int_Tables_number                19 
_symmetry.space_group_name_Hall            ? 
# 
loop_
_entity.id 
_entity.type 
_entity.src_method 
_entity.pdbx_description 
_entity.formula_weight 
_entity.pdbx_number_of_molecules 
_entity.pdbx_ec 
_entity.pdbx_mutation 
_entity.pdbx_fragment 
_entity.details 
1 polymer     syn "5'-D(*CP*GP*CP*GP*AP*AP*TP*TP*CP*GP*CP*G)-3'" 3663.392 2  ? ? ? ? 
2 non-polymer syn BERENIL                                        281.316  1  ? ? ? ? 
3 non-polymer syn 'MAGNESIUM ION'                                24.305   1  ? ? ? ? 
4 water       nat water                                          18.015   79 ? ? ? ? 
# 
_entity_poly.entity_id                      1 
_entity_poly.type                           polydeoxyribonucleotide 
_entity_poly.nstd_linkage                   no 
_entity_poly.nstd_monomer                   no 
_entity_poly.pdbx_seq_one_letter_code       '(DC)(DG)(DC)(DG)(DA)(DA)(DT)(DT)(DC)(DG)(DC)(DG)' 
_entity_poly.pdbx_seq_one_letter_code_can   CGCGAATTCGCG 
_entity_poly.pdbx_strand_id                 A,B 
_entity_poly.pdbx_target_identifier         ? 
# 
loop_
_entity_poly_seq.entity_id 
_entity_poly_seq.num 
_entity_poly_seq.mon_id 
_entity_poly_seq.hetero 
1 1  DC n 
1 2  DG n 
1 3  DC n 
1 4  DG n 
1 5  DA n 
1 6  DA n 
1 7  DT n 
1 8  DT n 
1 9  DC n 
1 10 DG n 
1 11 DC n 
1 12 DG n 
# 
_pdbx_entity_src_syn.entity_id              1 
_pdbx_entity_src_syn.pdbx_src_id            1 
_pdbx_entity_src_syn.pdbx_alt_source_flag   sample 
_pdbx_entity_src_syn.pdbx_beg_seq_num       ? 
_pdbx_entity_src_syn.pdbx_end_seq_num       ? 
_pdbx_entity_src_syn.organism_scientific    ? 
_pdbx_entity_src_syn.organism_common_name   ? 
_pdbx_entity_src_syn.ncbi_taxonomy_id       ? 
_pdbx_entity_src_syn.details                'AT-RICH REGION IN THE GENOME OF ORGANISMS.' 
# 
_struct_ref.id                         1 
_struct_ref.entity_id                  1 
_struct_ref.db_name                    PDB 
_struct_ref.db_code                    2GVR 
_struct_ref.pdbx_db_accession          2GVR 
_struct_ref.pdbx_db_isoform            ? 
_struct_ref.pdbx_seq_one_letter_code   ? 
_struct_ref.pdbx_align_begin           ? 
# 
loop_
_struct_ref_seq.align_id 
_struct_ref_seq.ref_id 
_struct_ref_seq.pdbx_PDB_id_code 
_struct_ref_seq.pdbx_strand_id 
_struct_ref_seq.seq_align_beg 
_struct_ref_seq.pdbx_seq_align_beg_ins_code 
_struct_ref_seq.seq_align_end 
_struct_ref_seq.pdbx_seq_align_end_ins_code 
_struct_ref_seq.pdbx_db_accession 
_struct_ref_seq.db_align_beg 
_struct_ref_seq.pdbx_db_align_beg_ins_code 
_struct_ref_seq.db_align_end 
_struct_ref_seq.pdbx_db_align_end_ins_code 
_struct_ref_seq.pdbx_auth_seq_align_beg 
_struct_ref_seq.pdbx_auth_seq_align_end 
1 1 2GVR A 1 ? 12 ? 2GVR 1  ? 12 ? 1  12 
2 1 2GVR B 1 ? 12 ? 2GVR 13 ? 24 ? 13 24 
# 
loop_
_chem_comp.id 
_chem_comp.type 
_chem_comp.mon_nstd_flag 
_chem_comp.name 
_chem_comp.pdbx_synonyms 
_chem_comp.formula 
_chem_comp.formula_weight 
BRN non-polymer   . BERENIL                              
;DIMINAZINE ACETURATE; 1,3-TRIS-(4'AMIDINOPHENYL)TRIAZINE
;
'C14 H15 N7'      281.316 
DA  'DNA linking' y "2'-DEOXYADENOSINE-5'-MONOPHOSPHATE" ?                                                          
'C10 H14 N5 O6 P' 331.222 
DC  'DNA linking' y "2'-DEOXYCYTIDINE-5'-MONOPHOSPHATE"  ?                                                          
'C9 H14 N3 O7 P'  307.197 
DG  'DNA linking' y "2'-DEOXYGUANOSINE-5'-MONOPHOSPHATE" ?                                                          
'C10 H14 N5 O7 P' 347.221 
DT  'DNA linking' y "THYMIDINE-5'-MONOPHOSPHATE"         ?                                                          
'C10 H15 N2 O8 P' 322.208 
HOH non-polymer   . WATER                                ?                                                          'H2 O' 18.015  
MG  non-polymer   . 'MAGNESIUM ION'                      ?                                                          'Mg 2' 24.305  
# 
_exptl.entry_id          2GVR 
_exptl.method            'X-RAY DIFFRACTION' 
_exptl.crystals_number   1 
# 
_exptl_crystal.id                    1 
_exptl_crystal.density_meas          ? 
_exptl_crystal.density_Matthews      2.05 
_exptl_crystal.density_percent_sol   40.13 
_exptl_crystal.description           ? 
_exptl_crystal.F_000                 ? 
_exptl_crystal.preparation           ? 
# 
_exptl_crystal_grow.crystal_id      1 
_exptl_crystal_grow.method          ? 
_exptl_crystal_grow.temp            285 
_exptl_crystal_grow.temp_details    ? 
_exptl_crystal_grow.pH              6.50 
_exptl_crystal_grow.pdbx_details    
'MAGNESIUM CHLORIDE, DNA, BERENIL, MPD, SODIUM CACODYLATE BUFFER, VAPOR DIFFUSION, HANGING DROP, temperature 285K, pH 6.50' 
_exptl_crystal_grow.pdbx_pH_range   . 
# 
loop_
_exptl_crystal_grow_comp.crystal_id 
_exptl_crystal_grow_comp.id 
_exptl_crystal_grow_comp.sol_id 
_exptl_crystal_grow_comp.name 
_exptl_crystal_grow_comp.volume 
_exptl_crystal_grow_comp.conc 
_exptl_crystal_grow_comp.details 
1 1 1 'MAGNESIUM CHLORIDE' ? ? ? 
1 2 1 MPD                  ? ? ? 
1 3 1 'SODIUM CACODYLATE'  ? ? ? 
1 4 1 H2O                  ? ? ? 
1 5 2 'MAGNESIUM CHLORIDE' ? ? ? 
1 6 2 MPD                  ? ? ? 
1 7 2 'SODIUM CACODYLATE'  ? ? ? 
# 
_diffrn.id                     1 
_diffrn.ambient_temp           103.0 
_diffrn.ambient_temp_details   ? 
_diffrn.crystal_id             1 
# 
_diffrn_detector.diffrn_id              1 
_diffrn_detector.detector               'IMAGE PLATE' 
_diffrn_detector.type                   'RIGAKU RAXIS IV' 
_diffrn_detector.pdbx_collection_date   2002-11-04 
_diffrn_detector.details                'OSMIC FOCUSING MIRROR SYSTEM' 
# 
_diffrn_radiation.diffrn_id                        1 
_diffrn_radiation.wavelength_id                    1 
_diffrn_radiation.pdbx_monochromatic_or_laue_m_l   M 
_diffrn_radiation.monochromator                    'NI FILTER' 
_diffrn_radiation.pdbx_diffrn_protocol             'SINGLE WAVELENGTH' 
_diffrn_radiation.pdbx_scattering_type             x-ray 
# 
_diffrn_radiation_wavelength.id           1 
_diffrn_radiation_wavelength.wavelength   1.54178 
_diffrn_radiation_wavelength.wt           1.0 
# 
_diffrn_source.diffrn_id                   1 
_diffrn_source.source                      'ROTATING ANODE' 
_diffrn_source.type                        'RIGAKU RU200' 
_diffrn_source.pdbx_synchrotron_site       ? 
_diffrn_source.pdbx_synchrotron_beamline   ? 
_diffrn_source.pdbx_wavelength             1.54178 
_diffrn_source.pdbx_wavelength_list        ? 
# 
_reflns.entry_id                     2GVR 
_reflns.observed_criterion_sigma_I   -2.000 
_reflns.observed_criterion_sigma_F   ? 
_reflns.d_resolution_low             17.000 
_reflns.d_resolution_high            1.650 
_reflns.number_obs                   7822 
_reflns.number_all                   ? 
_reflns.percent_possible_obs         96.5 
_reflns.pdbx_Rmerge_I_obs            0.034 
_reflns.pdbx_Rsym_value              ? 
_reflns.pdbx_netI_over_sigmaI        58.0400 
_reflns.B_iso_Wilson_estimate        ? 
_reflns.pdbx_redundancy              4.950 
_reflns.R_free_details               ? 
_reflns.pdbx_chi_squared             ? 
_reflns.pdbx_scaling_rejects         ? 
_reflns.pdbx_diffrn_id               1 
_reflns.pdbx_ordinal                 1 
# 
_reflns_shell.d_res_high             1.65 
_reflns_shell.d_res_low              1.71 
_reflns_shell.percent_possible_all   93.9 
_reflns_shell.Rmerge_I_obs           0.161 
_reflns_shell.pdbx_Rsym_value        ? 
_reflns_shell.meanI_over_sigI_obs    12.650 
_reflns_shell.pdbx_redundancy        ? 
_reflns_shell.percent_possible_obs   ? 
_reflns_shell.number_unique_all      ? 
_reflns_shell.number_measured_all    ? 
_reflns_shell.number_measured_obs    ? 
_reflns_shell.number_unique_obs      ? 
_reflns_shell.pdbx_chi_squared       ? 
_reflns_shell.pdbx_diffrn_id         ? 
_reflns_shell.pdbx_ordinal           1 
# 
_refine.entry_id                                 2GVR 
_refine.ls_number_reflns_obs                     ? 
_refine.ls_number_reflns_all                     7700 
_refine.pdbx_ls_sigma_I                          ? 
_refine.pdbx_ls_sigma_F                          4.000 
_refine.pdbx_data_cutoff_high_absF               ? 
_refine.pdbx_data_cutoff_low_absF                ? 
_refine.pdbx_data_cutoff_high_rms_absF           ? 
_refine.ls_d_res_low                             8.00 
_refine.ls_d_res_high                            1.65 
_refine.ls_percent_reflns_obs                    95.1 
_refine.ls_R_factor_obs                          0.219 
_refine.ls_R_factor_all                          0.223 
_refine.ls_R_factor_R_work                       ? 
_refine.ls_R_factor_R_free                       0.284 
_refine.ls_R_factor_R_free_error                 ? 
_refine.ls_R_factor_R_free_error_details         ? 
_refine.ls_percent_reflns_R_free                 9.818 
_refine.ls_number_reflns_R_free                  756 
_refine.ls_number_parameters                     2363 
_refine.ls_number_restraints                     2511 
_refine.occupancy_min                            ? 
_refine.occupancy_max                            ? 
_refine.correlation_coeff_Fo_to_Fc               ? 
_refine.correlation_coeff_Fo_to_Fc_free          ? 
_refine.B_iso_mean                               23.59 
_refine.aniso_B[1][1]                            ? 
_refine.aniso_B[2][2]                            ? 
_refine.aniso_B[3][3]                            ? 
_refine.aniso_B[1][2]                            ? 
_refine.aniso_B[1][3]                            ? 
_refine.aniso_B[2][3]                            ? 
_refine.solvent_model_details                    'MOEWS & KRETSINGER, J.MOL.BIOL.91(1973)201-228' 
_refine.solvent_model_param_ksol                 ? 
_refine.solvent_model_param_bsol                 ? 
_refine.pdbx_solvent_vdw_probe_radii             ? 
_refine.pdbx_solvent_ion_probe_radii             ? 
_refine.pdbx_solvent_shrinkage_radii             ? 
_refine.pdbx_ls_cross_valid_method               THROUGHOUT 
_refine.details                                  
'ANISOTROPIC SCALING APPLIED BY THE METHOD OF PARKIN, MOEZZI & HOPE, J.APPL.CRYST.28(1995)53-56' 
_refine.pdbx_starting_model                      'DNA PART OF NDB ENTRY GDL009 OR PDB ENTRY 2DBE.' 
_refine.pdbx_method_to_determine_struct          'MOLECULAR REPLACEMENT' 
_refine.pdbx_isotropic_thermal_model             ? 
_refine.pdbx_stereochemistry_target_values       'ENGH & HUBER' 
_refine.pdbx_stereochem_target_val_spec_case     ? 
_refine.pdbx_R_Free_selection_details            RANDOM 
_refine.pdbx_overall_ESU_R                       ? 
_refine.pdbx_overall_ESU_R_Free                  ? 
_refine.overall_SU_ML                            ? 
_refine.overall_SU_B                             ? 
_refine.ls_redundancy_reflns_obs                 ? 
_refine.overall_SU_R_Cruickshank_DPI             ? 
_refine.overall_SU_R_free                        ? 
_refine.ls_wR_factor_R_free                      ? 
_refine.ls_wR_factor_R_work                      ? 
_refine.overall_FOM_free_R_set                   ? 
_refine.overall_FOM_work_R_set                   ? 
_refine.pdbx_refine_id                           'X-RAY DIFFRACTION' 
_refine.pdbx_diffrn_id                           1 
_refine.pdbx_TLS_residual_ADP_flag               ? 
_refine.pdbx_overall_phase_error                 ? 
_refine.pdbx_overall_SU_R_free_Cruickshank_DPI   ? 
_refine.pdbx_overall_SU_R_Blow_DPI               ? 
_refine.pdbx_overall_SU_R_free_Blow_DPI          ? 
# 
_refine_analyze.entry_id                        2GVR 
_refine_analyze.Luzzati_coordinate_error_obs    ? 
_refine_analyze.Luzzati_sigma_a_obs             ? 
_refine_analyze.Luzzati_d_res_low_obs           ? 
_refine_analyze.Luzzati_coordinate_error_free   ? 
_refine_analyze.Luzzati_sigma_a_free            ? 
_refine_analyze.Luzzati_d_res_low_free          ? 
_refine_analyze.number_disordered_residues      0 
_refine_analyze.occupancy_sum_hydrogen          0.00 
_refine_analyze.occupancy_sum_non_hydrogen      587.00 
_refine_analyze.pdbx_refine_id                  'X-RAY DIFFRACTION' 
# 
_refine_hist.pdbx_refine_id                   'X-RAY DIFFRACTION' 
_refine_hist.cycle_id                         LAST 
_refine_hist.pdbx_number_atoms_protein        0 
_refine_hist.pdbx_number_atoms_nucleic_acid   486 
_refine_hist.pdbx_number_atoms_ligand         28 
_refine_hist.number_atoms_solvent             73 
_refine_hist.number_atoms_total               587 
_refine_hist.d_res_high                       1.65 
_refine_hist.d_res_low                        8.00 
# 
loop_
_refine_ls_restr.type 
_refine_ls_restr.dev_ideal 
_refine_ls_restr.dev_ideal_target 
_refine_ls_restr.weight 
_refine_ls_restr.number 
_refine_ls_restr.pdbx_refine_id 
_refine_ls_restr.pdbx_restraint_function 
s_bond_d               0.004 ? ? ? 'X-RAY DIFFRACTION' ? 
s_angle_d              0.019 ? ? ? 'X-RAY DIFFRACTION' ? 
s_similar_dist         0.000 ? ? ? 'X-RAY DIFFRACTION' ? 
s_from_restr_planes    0.010 ? ? ? 'X-RAY DIFFRACTION' ? 
s_zero_chiral_vol      0.000 ? ? ? 'X-RAY DIFFRACTION' ? 
s_non_zero_chiral_vol  0.041 ? ? ? 'X-RAY DIFFRACTION' ? 
s_anti_bump_dis_restr  0.002 ? ? ? 'X-RAY DIFFRACTION' ? 
s_rigid_bond_adp_cmpnt 0.000 ? ? ? 'X-RAY DIFFRACTION' ? 
s_similar_adp_cmpnt    0.058 ? ? ? 'X-RAY DIFFRACTION' ? 
s_approx_iso_adps      0.000 ? ? ? 'X-RAY DIFFRACTION' ? 
# 
_pdbx_refine.entry_id                                    2GVR 
_pdbx_refine.R_factor_all_no_cutoff                      0.223 
_pdbx_refine.R_factor_obs_no_cutoff                      0.219 
_pdbx_refine.free_R_factor_no_cutoff                     0.284 
_pdbx_refine.free_R_val_test_set_size_perc_no_cutoff     9.818 
_pdbx_refine.free_R_val_test_set_ct_no_cutoff            756 
_pdbx_refine.R_factor_all_4sig_cutoff                    0.217 
_pdbx_refine.R_factor_obs_4sig_cutoff                    0.214 
_pdbx_refine.free_R_factor_4sig_cutoff                   0.274 
_pdbx_refine.free_R_val_test_set_size_perc_4sig_cutoff   9.645 
_pdbx_refine.free_R_val_test_set_ct_4sig_cutoff          706 
_pdbx_refine.number_reflns_obs_4sig_cutoff               7320 
_pdbx_refine.pdbx_refine_id                              'X-RAY DIFFRACTION' 
_pdbx_refine.free_R_error_no_cutoff                      ? 
# 
_struct.entry_id                  2GVR 
_struct.title                     'Crystal structure of the berenil-D(CGCGAATTCGCG)2 complex at 1.65 A resolution.' 
_struct.pdbx_model_details        ? 
_struct.pdbx_CASP_flag            ? 
_struct.pdbx_model_type_details   ? 
# 
_struct_keywords.entry_id        2GVR 
_struct_keywords.pdbx_keywords   DNA 
_struct_keywords.text            
;NUCLEIC ACIDS, DNA, DOUBLE HELIX, MINOR GROOVE, CRYSTAL STRUCTURE OF B-DNA, DNA MINOR GROOVE BINDER, DICKERSON AND DREW DODECAMER, D(CGCGAATTCGCG)2, A2T2, DNA MINOR GROOVE-LIGAND COMPLEX, DNA-DRUG COMPLEX, DNA HYDRATION, BERENIL AND DNA, BERENIL-DNA COMPLEX, MAGNESIUM-WATER COMPLEX, HYDRATED MAGNESIUM COMPLEX.
;
# 
loop_
_struct_asym.id 
_struct_asym.pdbx_blank_PDB_chainid_flag 
_struct_asym.pdbx_modified 
_struct_asym.entity_id 
_struct_asym.details 
A N N 1 ? 
B N N 1 ? 
C N N 2 ? 
D N N 3 ? 
E N N 4 ? 
F N N 4 ? 
# 
_struct_biol.id                    1 
_struct_biol.details               ? 
_struct_biol.pdbx_parent_biol_id   ? 
# 
loop_
_struct_conn.id 
_struct_conn.conn_type_id 
_struct_conn.pdbx_leaving_atom_flag 
_struct_conn.pdbx_PDB_id 
_struct_conn.ptnr1_label_asym_id 
_struct_conn.ptnr1_label_comp_id 
_struct_conn.ptnr1_label_seq_id 
_struct_conn.ptnr1_label_atom_id 
_struct_conn.pdbx_ptnr1_label_alt_id 
_struct_conn.pdbx_ptnr1_PDB_ins_code 
_struct_conn.pdbx_ptnr1_standard_comp_id 
_struct_conn.ptnr1_symmetry 
_struct_conn.ptnr2_label_asym_id 
_struct_conn.ptnr2_label_comp_id 
_struct_conn.ptnr2_label_seq_id 
_struct_conn.ptnr2_label_atom_id 
_struct_conn.pdbx_ptnr2_label_alt_id 
_struct_conn.pdbx_ptnr2_PDB_ins_code 
_struct_conn.ptnr1_auth_asym_id 
_struct_conn.ptnr1_auth_comp_id 
_struct_conn.ptnr1_auth_seq_id 
_struct_conn.ptnr2_auth_asym_id 
_struct_conn.ptnr2_auth_comp_id 
_struct_conn.ptnr2_auth_seq_id 
_struct_conn.ptnr2_symmetry 
_struct_conn.pdbx_ptnr3_label_atom_id 
_struct_conn.pdbx_ptnr3_label_seq_id 
_struct_conn.pdbx_ptnr3_label_comp_id 
_struct_conn.pdbx_ptnr3_label_asym_id 
_struct_conn.pdbx_ptnr3_label_alt_id 
_struct_conn.pdbx_ptnr3_PDB_ins_code 
_struct_conn.details 
_struct_conn.pdbx_dist_value 
_struct_conn.pdbx_value_order 
_struct_conn.pdbx_role 
metalc1  metalc ? ? D MG .  MG ? ? ? 1_555 E HOH .  O  ? ? A MG 26 A HOH 100 1_555 ? ? ? ? ? ? ?            2.125 ? ? 
metalc2  metalc ? ? D MG .  MG ? ? ? 1_555 E HOH .  O  ? ? A MG 26 A HOH 101 1_555 ? ? ? ? ? ? ?            2.125 ? ? 
metalc3  metalc ? ? D MG .  MG ? ? ? 1_555 E HOH .  O  ? ? A MG 26 A HOH 102 1_555 ? ? ? ? ? ? ?            2.125 ? ? 
metalc4  metalc ? ? D MG .  MG ? ? ? 1_555 F HOH .  O  ? ? A MG 26 B HOH 99  1_555 ? ? ? ? ? ? ?            2.126 ? ? 
metalc5  metalc ? ? D MG .  MG ? ? ? 1_555 F HOH .  O  ? ? A MG 26 B HOH 100 1_555 ? ? ? ? ? ? ?            2.125 ? ? 
metalc6  metalc ? ? D MG .  MG ? ? ? 1_555 F HOH .  O  ? ? A MG 26 B HOH 101 1_555 ? ? ? ? ? ? ?            2.125 ? ? 
hydrog1  hydrog ? ? A DC 1  N3 ? ? ? 1_555 B DG  12 N1 ? ? A DC 1  B DG  24  1_555 ? ? ? ? ? ? WATSON-CRICK ?     ? ? 
hydrog2  hydrog ? ? A DC 1  N4 ? ? ? 1_555 B DG  12 O6 ? ? A DC 1  B DG  24  1_555 ? ? ? ? ? ? WATSON-CRICK ?     ? ? 
hydrog3  hydrog ? ? A DC 1  O2 ? ? ? 1_555 B DG  12 N2 ? ? A DC 1  B DG  24  1_555 ? ? ? ? ? ? WATSON-CRICK ?     ? ? 
hydrog4  hydrog ? ? A DG 2  N1 ? ? ? 1_555 B DC  11 N3 ? ? A DG 2  B DC  23  1_555 ? ? ? ? ? ? WATSON-CRICK ?     ? ? 
hydrog5  hydrog ? ? A DG 2  N2 ? ? ? 1_555 B DC  11 O2 ? ? A DG 2  B DC  23  1_555 ? ? ? ? ? ? WATSON-CRICK ?     ? ? 
hydrog6  hydrog ? ? A DG 2  O6 ? ? ? 1_555 B DC  11 N4 ? ? A DG 2  B DC  23  1_555 ? ? ? ? ? ? WATSON-CRICK ?     ? ? 
hydrog7  hydrog ? ? A DC 3  N3 ? ? ? 1_555 B DG  10 N1 ? ? A DC 3  B DG  22  1_555 ? ? ? ? ? ? WATSON-CRICK ?     ? ? 
hydrog8  hydrog ? ? A DC 3  N4 ? ? ? 1_555 B DG  10 O6 ? ? A DC 3  B DG  22  1_555 ? ? ? ? ? ? WATSON-CRICK ?     ? ? 
hydrog9  hydrog ? ? A DC 3  O2 ? ? ? 1_555 B DG  10 N2 ? ? A DC 3  B DG  22  1_555 ? ? ? ? ? ? WATSON-CRICK ?     ? ? 
hydrog10 hydrog ? ? A DG 4  N1 ? ? ? 1_555 B DC  9  N3 ? ? A DG 4  B DC  21  1_555 ? ? ? ? ? ? WATSON-CRICK ?     ? ? 
hydrog11 hydrog ? ? A DG 4  N2 ? ? ? 1_555 B DC  9  O2 ? ? A DG 4  B DC  21  1_555 ? ? ? ? ? ? WATSON-CRICK ?     ? ? 
hydrog12 hydrog ? ? A DG 4  O6 ? ? ? 1_555 B DC  9  N4 ? ? A DG 4  B DC  21  1_555 ? ? ? ? ? ? WATSON-CRICK ?     ? ? 
hydrog13 hydrog ? ? A DA 5  N1 ? ? ? 1_555 B DT  8  N3 ? ? A DA 5  B DT  20  1_555 ? ? ? ? ? ? WATSON-CRICK ?     ? ? 
hydrog14 hydrog ? ? A DA 5  N6 ? ? ? 1_555 B DT  8  O4 ? ? A DA 5  B DT  20  1_555 ? ? ? ? ? ? WATSON-CRICK ?     ? ? 
hydrog15 hydrog ? ? A DA 6  N1 ? ? ? 1_555 B DT  7  N3 ? ? A DA 6  B DT  19  1_555 ? ? ? ? ? ? WATSON-CRICK ?     ? ? 
hydrog16 hydrog ? ? A DA 6  N6 ? ? ? 1_555 B DT  7  O4 ? ? A DA 6  B DT  19  1_555 ? ? ? ? ? ? WATSON-CRICK ?     ? ? 
hydrog17 hydrog ? ? A DT 7  N3 ? ? ? 1_555 B DA  6  N1 ? ? A DT 7  B DA  18  1_555 ? ? ? ? ? ? WATSON-CRICK ?     ? ? 
hydrog18 hydrog ? ? A DT 7  O4 ? ? ? 1_555 B DA  6  N6 ? ? A DT 7  B DA  18  1_555 ? ? ? ? ? ? WATSON-CRICK ?     ? ? 
hydrog19 hydrog ? ? A DT 8  N3 ? ? ? 1_555 B DA  5  N1 ? ? A DT 8  B DA  17  1_555 ? ? ? ? ? ? WATSON-CRICK ?     ? ? 
hydrog20 hydrog ? ? A DT 8  O4 ? ? ? 1_555 B DA  5  N6 ? ? A DT 8  B DA  17  1_555 ? ? ? ? ? ? WATSON-CRICK ?     ? ? 
hydrog21 hydrog ? ? A DC 9  N3 ? ? ? 1_555 B DG  4  N1 ? ? A DC 9  B DG  16  1_555 ? ? ? ? ? ? WATSON-CRICK ?     ? ? 
hydrog22 hydrog ? ? A DC 9  N4 ? ? ? 1_555 B DG  4  O6 ? ? A DC 9  B DG  16  1_555 ? ? ? ? ? ? WATSON-CRICK ?     ? ? 
hydrog23 hydrog ? ? A DC 9  O2 ? ? ? 1_555 B DG  4  N2 ? ? A DC 9  B DG  16  1_555 ? ? ? ? ? ? WATSON-CRICK ?     ? ? 
hydrog24 hydrog ? ? A DG 10 N1 ? ? ? 1_555 B DC  3  N3 ? ? A DG 10 B DC  15  1_555 ? ? ? ? ? ? WATSON-CRICK ?     ? ? 
hydrog25 hydrog ? ? A DG 10 N2 ? ? ? 1_555 B DC  3  O2 ? ? A DG 10 B DC  15  1_555 ? ? ? ? ? ? WATSON-CRICK ?     ? ? 
hydrog26 hydrog ? ? A DG 10 O6 ? ? ? 1_555 B DC  3  N4 ? ? A DG 10 B DC  15  1_555 ? ? ? ? ? ? WATSON-CRICK ?     ? ? 
hydrog27 hydrog ? ? A DC 11 N3 ? ? ? 1_555 B DG  2  N1 ? ? A DC 11 B DG  14  1_555 ? ? ? ? ? ? WATSON-CRICK ?     ? ? 
hydrog28 hydrog ? ? A DC 11 N4 ? ? ? 1_555 B DG  2  O6 ? ? A DC 11 B DG  14  1_555 ? ? ? ? ? ? WATSON-CRICK ?     ? ? 
hydrog29 hydrog ? ? A DC 11 O2 ? ? ? 1_555 B DG  2  N2 ? ? A DC 11 B DG  14  1_555 ? ? ? ? ? ? WATSON-CRICK ?     ? ? 
hydrog30 hydrog ? ? A DG 12 N1 ? ? ? 1_555 B DC  1  N3 ? ? A DG 12 B DC  13  1_555 ? ? ? ? ? ? WATSON-CRICK ?     ? ? 
hydrog31 hydrog ? ? A DG 12 N2 ? ? ? 1_555 B DC  1  O2 ? ? A DG 12 B DC  13  1_555 ? ? ? ? ? ? WATSON-CRICK ?     ? ? 
hydrog32 hydrog ? ? A DG 12 O6 ? ? ? 1_555 B DC  1  N4 ? ? A DG 12 B DC  13  1_555 ? ? ? ? ? ? WATSON-CRICK ?     ? ? 
# 
loop_
_struct_conn_type.id 
_struct_conn_type.criteria 
_struct_conn_type.reference 
metalc ? ? 
hydrog ? ? 
# 
loop_
_struct_site.id 
_struct_site.pdbx_evidence_code 
_struct_site.pdbx_auth_asym_id 
_struct_site.pdbx_auth_comp_id 
_struct_site.pdbx_auth_seq_id 
_struct_site.pdbx_auth_ins_code 
_struct_site.pdbx_num_residues 
_struct_site.details 
AC1 Software A BRN 25 ? 11 'BINDING SITE FOR RESIDUE BRN A 25' 
AC2 Software A MG  26 ? 6  'BINDING SITE FOR RESIDUE MG A 26'  
1   ?        ? ?   ?  ? ?  ?                                   
# 
loop_
_struct_site_gen.id 
_struct_site_gen.site_id 
_struct_site_gen.pdbx_num_res 
_struct_site_gen.label_comp_id 
_struct_site_gen.label_asym_id 
_struct_site_gen.label_seq_id 
_struct_site_gen.pdbx_auth_ins_code 
_struct_site_gen.auth_comp_id 
_struct_site_gen.auth_asym_id 
_struct_site_gen.auth_seq_id 
_struct_site_gen.label_atom_id 
_struct_site_gen.label_alt_id 
_struct_site_gen.symmetry 
_struct_site_gen.details 
1  AC1 11 DA  A 6 ? DA  A 6   . ? 1_555 ? 
2  AC1 11 DT  A 7 ? DT  A 7   . ? 1_555 ? 
3  AC1 11 DT  A 8 ? DT  A 8   . ? 1_555 ? 
4  AC1 11 DC  A 9 ? DC  A 9   . ? 1_555 ? 
5  AC1 11 HOH E . ? HOH A 77  . ? 1_555 ? 
6  AC1 11 HOH E . ? HOH A 85  . ? 1_555 ? 
7  AC1 11 DA  B 6 ? DA  B 18  . ? 1_555 ? 
8  AC1 11 DT  B 7 ? DT  B 19  . ? 1_555 ? 
9  AC1 11 DT  B 8 ? DT  B 20  . ? 1_555 ? 
10 AC1 11 DC  B 9 ? DC  B 21  . ? 1_555 ? 
11 AC1 11 HOH F . ? HOH B 44  . ? 1_555 ? 
12 AC2 6  HOH E . ? HOH A 100 . ? 1_555 ? 
13 AC2 6  HOH E . ? HOH A 101 . ? 1_555 ? 
14 AC2 6  HOH E . ? HOH A 102 . ? 1_555 ? 
15 AC2 6  HOH F . ? HOH B 99  . ? 1_555 ? 
16 AC2 6  HOH F . ? HOH B 100 . ? 1_555 ? 
17 AC2 6  HOH F . ? HOH B 101 . ? 1_555 ? 
# 
_atom_sites.entry_id                    2GVR 
_atom_sites.fract_transf_matrix[1][1]   0.01454411 
_atom_sites.fract_transf_matrix[1][2]   0.03800994 
_atom_sites.fract_transf_matrix[1][3]   0.00787284 
_atom_sites.fract_transf_matrix[2][1]   0.02093916 
_atom_sites.fract_transf_matrix[2][2]   -0.01005350 
_atom_sites.fract_transf_matrix[2][3]   0.00985559 
_atom_sites.fract_transf_matrix[3][1]   0.00660043 
_atom_sites.fract_transf_matrix[3][2]   0.00031289 
_atom_sites.fract_transf_matrix[3][3]   -0.01370409 
_atom_sites.fract_transf_vector[1]      0.575589 
_atom_sites.fract_transf_vector[2]      0.519189 
_atom_sites.fract_transf_vector[3]      0.141934 
# 
loop_
_atom_type.symbol 
C  
MG 
N  
O  
P  
# 
loop_
_atom_site.group_PDB 
_atom_site.id 
_atom_site.type_symbol 
_atom_site.label_atom_id 
_atom_site.label_alt_id 
_atom_site.label_comp_id 
_atom_site.label_asym_id 
_atom_site.label_entity_id 
_atom_site.label_seq_id 
_atom_site.pdbx_PDB_ins_code 
_atom_site.Cartn_x 
_atom_site.Cartn_y 
_atom_site.Cartn_z 
_atom_site.occupancy 
_atom_site.B_iso_or_equiv 
_atom_site.pdbx_formal_charge 
_atom_site.auth_seq_id 
_atom_site.auth_comp_id 
_atom_site.auth_asym_id 
_atom_site.auth_atom_id 
_atom_site.pdbx_PDB_model_num 
ATOM   1   O  "O5'" . DC  A 1 1  ? 19.612  0.151   -7.115  1.00 19.28 ? 1   DC  A "O5'" 1 
ATOM   2   C  "C5'" . DC  A 1 1  ? 18.367  -0.123  -7.766  1.00 17.62 ? 1   DC  A "C5'" 1 
ATOM   3   C  "C4'" . DC  A 1 1  ? 17.701  1.173   -8.169  1.00 13.45 ? 1   DC  A "C4'" 1 
ATOM   4   O  "O4'" . DC  A 1 1  ? 16.820  0.941   -9.290  1.00 16.54 ? 1   DC  A "O4'" 1 
ATOM   5   C  "C3'" . DC  A 1 1  ? 16.840  1.811   -7.086  1.00 15.52 ? 1   DC  A "C3'" 1 
ATOM   6   O  "O3'" . DC  A 1 1  ? 17.004  3.231   -7.109  1.00 19.16 ? 1   DC  A "O3'" 1 
ATOM   7   C  "C2'" . DC  A 1 1  ? 15.433  1.410   -7.461  1.00 10.50 ? 1   DC  A "C2'" 1 
ATOM   8   C  "C1'" . DC  A 1 1  ? 15.503  1.386   -8.976  1.00 14.23 ? 1   DC  A "C1'" 1 
ATOM   9   N  N1    . DC  A 1 1  ? 14.572  0.472   -9.648  1.00 18.61 ? 1   DC  A N1    1 
ATOM   10  C  C2    . DC  A 1 1  ? 13.803  0.975   -10.703 1.00 16.44 ? 1   DC  A C2    1 
ATOM   11  O  O2    . DC  A 1 1  ? 13.937  2.166   -11.020 1.00 20.61 ? 1   DC  A O2    1 
ATOM   12  N  N3    . DC  A 1 1  ? 12.938  0.156   -11.341 1.00 11.69 ? 1   DC  A N3    1 
ATOM   13  C  C4    . DC  A 1 1  ? 12.826  -1.121  -10.966 1.00 17.01 ? 1   DC  A C4    1 
ATOM   14  N  N4    . DC  A 1 1  ? 11.959  -1.891  -11.626 1.00 14.36 ? 1   DC  A N4    1 
ATOM   15  C  C5    . DC  A 1 1  ? 13.600  -1.659  -9.896  1.00 11.37 ? 1   DC  A C5    1 
ATOM   16  C  C6    . DC  A 1 1  ? 14.452  -0.836  -9.272  1.00 14.54 ? 1   DC  A C6    1 
ATOM   17  P  P     . DG  A 1 2  ? 16.429  4.145   -5.923  1.00 19.93 ? 2   DG  A P     1 
ATOM   18  O  OP1   . DG  A 1 2  ? 17.330  5.318   -5.776  1.00 31.86 ? 2   DG  A OP1   1 
ATOM   19  O  OP2   . DG  A 1 2  ? 16.156  3.274   -4.755  1.00 12.00 ? 2   DG  A OP2   1 
ATOM   20  O  "O5'" . DG  A 1 2  ? 15.033  4.666   -6.495  1.00 14.27 ? 2   DG  A "O5'" 1 
ATOM   21  C  "C5'" . DG  A 1 2  ? 15.000  5.474   -7.677  1.00 16.34 ? 2   DG  A "C5'" 1 
ATOM   22  C  "C4'" . DG  A 1 2  ? 13.670  6.171   -7.804  1.00 15.69 ? 2   DG  A "C4'" 1 
ATOM   23  O  "O4'" . DG  A 1 2  ? 12.749  5.333   -8.543  1.00 17.19 ? 2   DG  A "O4'" 1 
ATOM   24  C  "C3'" . DG  A 1 2  ? 12.962  6.476   -6.487  1.00 18.95 ? 2   DG  A "C3'" 1 
ATOM   25  O  "O3'" . DG  A 1 2  ? 12.200  7.676   -6.619  1.00 18.58 ? 2   DG  A "O3'" 1 
ATOM   26  C  "C2'" . DG  A 1 2  ? 12.075  5.269   -6.292  1.00 12.95 ? 2   DG  A "C2'" 1 
ATOM   27  C  "C1'" . DG  A 1 2  ? 11.654  4.954   -7.717  1.00 13.16 ? 2   DG  A "C1'" 1 
ATOM   28  N  N9    . DG  A 1 2  ? 11.372  3.539   -7.997  1.00 12.74 ? 2   DG  A N9    1 
ATOM   29  C  C8    . DG  A 1 2  ? 11.806  2.414   -7.340  1.00 11.74 ? 2   DG  A C8    1 
ATOM   30  N  N7    . DG  A 1 2  ? 11.358  1.303   -7.865  1.00 7.88  ? 2   DG  A N7    1 
ATOM   31  C  C5    . DG  A 1 2  ? 10.578  1.716   -8.936  1.00 8.69  ? 2   DG  A C5    1 
ATOM   32  C  C6    . DG  A 1 2  ? 9.830   0.974   -9.886  1.00 11.47 ? 2   DG  A C6    1 
ATOM   33  O  O6    . DG  A 1 2  ? 9.693   -0.253  -9.987  1.00 9.61  ? 2   DG  A O6    1 
ATOM   34  N  N1    . DG  A 1 2  ? 9.190   1.806   -10.801 1.00 11.38 ? 2   DG  A N1    1 
ATOM   35  C  C2    . DG  A 1 2  ? 9.256   3.177   -10.806 1.00 16.70 ? 2   DG  A C2    1 
ATOM   36  N  N2    . DG  A 1 2  ? 8.569   3.805   -11.770 1.00 6.77  ? 2   DG  A N2    1 
ATOM   37  N  N3    . DG  A 1 2  ? 9.949   3.881   -9.927  1.00 11.47 ? 2   DG  A N3    1 
ATOM   38  C  C4    . DG  A 1 2  ? 10.577  3.091   -9.032  1.00 14.52 ? 2   DG  A C4    1 
ATOM   39  P  P     . DC  A 1 3  ? 11.520  8.412   -5.370  1.00 17.45 ? 3   DC  A P     1 
ATOM   40  O  OP1   . DC  A 1 3  ? 12.098  9.778   -5.274  1.00 18.12 ? 3   DC  A OP1   1 
ATOM   41  O  OP2   . DC  A 1 3  ? 11.575  7.503   -4.202  1.00 16.56 ? 3   DC  A OP2   1 
ATOM   42  O  "O5'" . DC  A 1 3  ? 9.993   8.562   -5.818  1.00 15.78 ? 3   DC  A "O5'" 1 
ATOM   43  C  "C5'" . DC  A 1 3  ? 9.681   9.176   -7.075  1.00 16.60 ? 3   DC  A "C5'" 1 
ATOM   44  C  "C4'" . DC  A 1 3  ? 8.469   8.521   -7.686  1.00 12.65 ? 3   DC  A "C4'" 1 
ATOM   45  O  "O4'" . DC  A 1 3  ? 8.733   7.126   -7.954  1.00 13.69 ? 3   DC  A "O4'" 1 
ATOM   46  C  "C3'" . DC  A 1 3  ? 7.236   8.511   -6.791  1.00 14.58 ? 3   DC  A "C3'" 1 
ATOM   47  O  "O3'" . DC  A 1 3  ? 6.441   9.673   -7.045  1.00 21.40 ? 3   DC  A "O3'" 1 
ATOM   48  C  "C2'" . DC  A 1 3  ? 6.506   7.250   -7.162  1.00 19.01 ? 3   DC  A "C2'" 1 
ATOM   49  C  "C1'" . DC  A 1 3  ? 7.495   6.424   -7.956  1.00 12.01 ? 3   DC  A "C1'" 1 
ATOM   50  N  N1    . DC  A 1 3  ? 7.755   5.088   -7.402  1.00 12.19 ? 3   DC  A N1    1 
ATOM   51  C  C2    . DC  A 1 3  ? 7.247   3.977   -8.079  1.00 14.18 ? 3   DC  A C2    1 
ATOM   52  O  O2    . DC  A 1 3  ? 6.595   4.151   -9.120  1.00 16.47 ? 3   DC  A O2    1 
ATOM   53  N  N3    . DC  A 1 3  ? 7.479   2.741   -7.581  1.00 13.57 ? 3   DC  A N3    1 
ATOM   54  C  C4    . DC  A 1 3  ? 8.185   2.594   -6.458  1.00 15.30 ? 3   DC  A C4    1 
ATOM   55  N  N4    . DC  A 1 3  ? 8.387   1.355   -6.006  1.00 14.80 ? 3   DC  A N4    1 
ATOM   56  C  C5    . DC  A 1 3  ? 8.716   3.711   -5.749  1.00 13.89 ? 3   DC  A C5    1 
ATOM   57  C  C6    . DC  A 1 3  ? 8.478   4.929   -6.253  1.00 12.34 ? 3   DC  A C6    1 
ATOM   58  P  P     . DG  A 1 4  ? 5.249   10.061  -6.041  1.00 23.80 ? 4   DG  A P     1 
ATOM   59  O  OP1   . DG  A 1 4  ? 5.097   11.538  -6.071  1.00 21.15 ? 4   DG  A OP1   1 
ATOM   60  O  OP2   . DG  A 1 4  ? 5.487   9.366   -4.753  1.00 16.66 ? 4   DG  A OP2   1 
ATOM   61  O  "O5'" . DG  A 1 4  ? 3.960   9.418   -6.727  1.00 20.36 ? 4   DG  A "O5'" 1 
ATOM   62  C  "C5'" . DG  A 1 4  ? 3.707   9.606   -8.124  1.00 20.03 ? 4   DG  A "C5'" 1 
ATOM   63  C  "C4'" . DG  A 1 4  ? 2.557   8.728   -8.562  1.00 19.39 ? 4   DG  A "C4'" 1 
ATOM   64  O  "O4'" . DG  A 1 4  ? 2.960   7.343   -8.494  1.00 16.21 ? 4   DG  A "O4'" 1 
ATOM   65  C  "C3'" . DG  A 1 4  ? 1.310   8.850   -7.699  1.00 21.21 ? 4   DG  A "C3'" 1 
ATOM   66  O  "O3'" . DG  A 1 4  ? 0.133   8.795   -8.509  1.00 26.00 ? 4   DG  A "O3'" 1 
ATOM   67  C  "C2'" . DG  A 1 4  ? 1.388   7.666   -6.767  1.00 21.35 ? 4   DG  A "C2'" 1 
ATOM   68  C  "C1'" . DG  A 1 4  ? 2.137   6.630   -7.585  1.00 17.63 ? 4   DG  A "C1'" 1 
ATOM   69  N  N9    . DG  A 1 4  ? 3.005   5.754   -6.781  1.00 13.21 ? 4   DG  A N9    1 
ATOM   70  C  C8    . DG  A 1 4  ? 3.790   6.086   -5.703  1.00 18.28 ? 4   DG  A C8    1 
ATOM   71  N  N7    . DG  A 1 4  ? 4.443   5.070   -5.209  1.00 20.31 ? 4   DG  A N7    1 
ATOM   72  C  C5    . DG  A 1 4  ? 4.067   3.999   -6.009  1.00 13.78 ? 4   DG  A C5    1 
ATOM   73  C  C6    . DG  A 1 4  ? 4.450   2.634   -5.957  1.00 9.56  ? 4   DG  A C6    1 
ATOM   74  O  O6    . DG  A 1 4  ? 5.225   2.081   -5.168  1.00 12.52 ? 4   DG  A O6    1 
ATOM   75  N  N1    . DG  A 1 4  ? 3.831   1.891   -6.959  1.00 10.34 ? 4   DG  A N1    1 
ATOM   76  C  C2    . DG  A 1 4  ? 2.955   2.394   -7.887  1.00 14.63 ? 4   DG  A C2    1 
ATOM   77  N  N2    . DG  A 1 4  ? 2.460   1.519   -8.775  1.00 15.95 ? 4   DG  A N2    1 
ATOM   78  N  N3    . DG  A 1 4  ? 2.589   3.664   -7.946  1.00 9.91  ? 4   DG  A N3    1 
ATOM   79  C  C4    . DG  A 1 4  ? 3.180   4.403   -6.983  1.00 12.96 ? 4   DG  A C4    1 
ATOM   80  P  P     . DA  A 1 5  ? -1.318  8.786   -7.818  1.00 28.92 ? 5   DA  A P     1 
ATOM   81  O  OP1   . DA  A 1 5  ? -2.185  9.728   -8.568  1.00 42.04 ? 5   DA  A OP1   1 
ATOM   82  O  OP2   . DA  A 1 5  ? -1.131  8.954   -6.356  1.00 21.64 ? 5   DA  A OP2   1 
ATOM   83  O  "O5'" . DA  A 1 5  ? -1.850  7.305   -8.084  1.00 25.89 ? 5   DA  A "O5'" 1 
ATOM   84  C  "C5'" . DA  A 1 5  ? -1.647  6.682   -9.356  1.00 14.50 ? 5   DA  A "C5'" 1 
ATOM   85  C  "C4'" . DA  A 1 5  ? -2.045  5.228   -9.300  1.00 16.61 ? 5   DA  A "C4'" 1 
ATOM   86  O  "O4'" . DA  A 1 5  ? -1.057  4.479   -8.559  1.00 13.22 ? 5   DA  A "O4'" 1 
ATOM   87  C  "C3'" . DA  A 1 5  ? -3.383  4.950   -8.624  1.00 12.30 ? 5   DA  A "C3'" 1 
ATOM   88  O  "O3'" . DA  A 1 5  ? -4.103  3.970   -9.372  1.00 13.06 ? 5   DA  A "O3'" 1 
ATOM   89  C  "C2'" . DA  A 1 5  ? -3.007  4.446   -7.254  1.00 19.02 ? 5   DA  A "C2'" 1 
ATOM   90  C  "C1'" . DA  A 1 5  ? -1.676  3.761   -7.497  1.00 13.23 ? 5   DA  A "C1'" 1 
ATOM   91  N  N9    . DA  A 1 5  ? -0.741  3.785   -6.366  1.00 9.06  ? 5   DA  A N9    1 
ATOM   92  C  C8    . DA  A 1 5  ? -0.399  4.855   -5.579  1.00 21.00 ? 5   DA  A C8    1 
ATOM   93  N  N7    . DA  A 1 5  ? 0.470   4.564   -4.641  1.00 14.68 ? 5   DA  A N7    1 
ATOM   94  C  C5    . DA  A 1 5  ? 0.720   3.211   -4.824  1.00 11.41 ? 5   DA  A C5    1 
ATOM   95  C  C6    . DA  A 1 5  ? 1.552   2.300   -4.150  1.00 13.66 ? 5   DA  A C6    1 
ATOM   96  N  N6    . DA  A 1 5  ? 2.323   2.627   -3.111  1.00 12.53 ? 5   DA  A N6    1 
ATOM   97  N  N1    . DA  A 1 5  ? 1.567   1.021   -4.588  1.00 18.00 ? 5   DA  A N1    1 
ATOM   98  C  C2    . DA  A 1 5  ? 0.795   0.690   -5.631  1.00 14.25 ? 5   DA  A C2    1 
ATOM   99  N  N3    . DA  A 1 5  ? -0.029  1.454   -6.344  1.00 10.27 ? 5   DA  A N3    1 
ATOM   100 C  C4    . DA  A 1 5  ? -0.021  2.718   -5.885  1.00 9.86  ? 5   DA  A C4    1 
ATOM   101 P  P     . DA  A 1 6  ? -5.540  3.425   -8.917  1.00 14.39 ? 6   DA  A P     1 
ATOM   102 O  OP1   . DA  A 1 6  ? -6.251  2.958   -10.137 1.00 13.12 ? 6   DA  A OP1   1 
ATOM   103 O  OP2   . DA  A 1 6  ? -6.171  4.441   -8.042  1.00 12.99 ? 6   DA  A OP2   1 
ATOM   104 O  "O5'" . DA  A 1 6  ? -5.198  2.144   -8.030  1.00 9.89  ? 6   DA  A "O5'" 1 
ATOM   105 C  "C5'" . DA  A 1 6  ? -4.574  0.998   -8.619  1.00 10.20 ? 6   DA  A "C5'" 1 
ATOM   106 C  "C4'" . DA  A 1 6  ? -4.415  -0.095  -7.590  1.00 10.18 ? 6   DA  A "C4'" 1 
ATOM   107 O  "O4'" . DA  A 1 6  ? -3.390  0.273   -6.642  1.00 13.85 ? 6   DA  A "O4'" 1 
ATOM   108 C  "C3'" . DA  A 1 6  ? -5.674  -0.390  -6.777  1.00 12.47 ? 6   DA  A "C3'" 1 
ATOM   109 O  "O3'" . DA  A 1 6  ? -6.048  -1.755  -6.972  1.00 15.77 ? 6   DA  A "O3'" 1 
ATOM   110 C  "C2'" . DA  A 1 6  ? -5.304  -0.095  -5.347  1.00 10.29 ? 6   DA  A "C2'" 1 
ATOM   111 C  "C1'" . DA  A 1 6  ? -3.790  -0.128  -5.335  1.00 14.62 ? 6   DA  A "C1'" 1 
ATOM   112 N  N9    . DA  A 1 6  ? -3.134  0.794   -4.401  1.00 12.37 ? 6   DA  A N9    1 
ATOM   113 C  C8    . DA  A 1 6  ? -3.376  2.135   -4.231  1.00 18.00 ? 6   DA  A C8    1 
ATOM   114 N  N7    . DA  A 1 6  ? -2.623  2.696   -3.315  1.00 16.90 ? 6   DA  A N7    1 
ATOM   115 C  C5    . DA  A 1 6  ? -1.831  1.653   -2.852  1.00 13.80 ? 6   DA  A C5    1 
ATOM   116 C  C6    . DA  A 1 6  ? -0.822  1.593   -1.874  1.00 12.70 ? 6   DA  A C6    1 
ATOM   117 N  N6    . DA  A 1 6  ? -0.424  2.645   -1.156  1.00 16.69 ? 6   DA  A N6    1 
ATOM   118 N  N1    . DA  A 1 6  ? -0.230  0.398   -1.655  1.00 12.80 ? 6   DA  A N1    1 
ATOM   119 C  C2    . DA  A 1 6  ? -0.630  -0.657  -2.374  1.00 11.87 ? 6   DA  A C2    1 
ATOM   120 N  N3    . DA  A 1 6  ? -1.565  -0.725  -3.319  1.00 10.34 ? 6   DA  A N3    1 
ATOM   121 C  C4    . DA  A 1 6  ? -2.135  0.476   -3.514  1.00 13.51 ? 6   DA  A C4    1 
ATOM   122 P  P     . DT  A 1 7  ? -7.300  -2.425  -6.232  1.00 15.88 ? 7   DT  A P     1 
ATOM   123 O  OP1   . DT  A 1 7  ? -7.849  -3.478  -7.128  1.00 14.88 ? 7   DT  A OP1   1 
ATOM   124 O  OP2   . DT  A 1 7  ? -8.182  -1.346  -5.728  1.00 13.28 ? 7   DT  A OP2   1 
ATOM   125 O  "O5'" . DT  A 1 7  ? -6.633  -3.154  -4.977  1.00 12.53 ? 7   DT  A "O5'" 1 
ATOM   126 C  "C5'" . DT  A 1 7  ? -5.438  -3.926  -5.158  1.00 15.66 ? 7   DT  A "C5'" 1 
ATOM   127 C  "C4'" . DT  A 1 7  ? -4.815  -4.240  -3.821  1.00 17.57 ? 7   DT  A "C4'" 1 
ATOM   128 O  "O4'" . DT  A 1 7  ? -4.219  -3.045  -3.261  1.00 17.02 ? 7   DT  A "O4'" 1 
ATOM   129 C  "C3'" . DT  A 1 7  ? -5.791  -4.753  -2.767  1.00 16.69 ? 7   DT  A "C3'" 1 
ATOM   130 O  "O3'" . DT  A 1 7  ? -5.470  -6.107  -2.439  1.00 16.98 ? 7   DT  A "O3'" 1 
ATOM   131 C  "C2'" . DT  A 1 7  ? -5.620  -3.836  -1.582  1.00 15.36 ? 7   DT  A "C2'" 1 
ATOM   132 C  "C1'" . DT  A 1 7  ? -4.290  -3.156  -1.842  1.00 13.42 ? 7   DT  A "C1'" 1 
ATOM   133 N  N1    . DT  A 1 7  ? -4.131  -1.807  -1.288  1.00 13.51 ? 7   DT  A N1    1 
ATOM   134 C  C2    . DT  A 1 7  ? -3.176  -1.612  -0.316  1.00 12.43 ? 7   DT  A C2    1 
ATOM   135 O  O2    . DT  A 1 7  ? -2.463  -2.508  0.105   1.00 19.68 ? 7   DT  A O2    1 
ATOM   136 N  N3    . DT  A 1 7  ? -3.084  -0.324  0.149   1.00 13.60 ? 7   DT  A N3    1 
ATOM   137 C  C4    . DT  A 1 7  ? -3.834  0.766   -0.251  1.00 15.70 ? 7   DT  A C4    1 
ATOM   138 O  O4    . DT  A 1 7  ? -3.637  1.864   0.260   1.00 14.71 ? 7   DT  A O4    1 
ATOM   139 C  C5    . DT  A 1 7  ? -4.815  0.491   -1.275  1.00 12.22 ? 7   DT  A C5    1 
ATOM   140 C  C7    . DT  A 1 7  ? -5.676  1.609   -1.774  1.00 13.99 ? 7   DT  A C7    1 
ATOM   141 C  C6    . DT  A 1 7  ? -4.911  -0.762  -1.735  1.00 16.00 ? 7   DT  A C6    1 
ATOM   142 P  P     . DT  A 1 8  ? -6.438  -7.008  -1.532  1.00 19.09 ? 8   DT  A P     1 
ATOM   143 O  OP1   . DT  A 1 8  ? -6.339  -8.408  -2.019  1.00 19.05 ? 8   DT  A OP1   1 
ATOM   144 O  OP2   . DT  A 1 8  ? -7.757  -6.341  -1.446  1.00 18.69 ? 8   DT  A OP2   1 
ATOM   145 O  "O5'" . DT  A 1 8  ? -5.752  -6.946  -0.090  1.00 15.46 ? 8   DT  A "O5'" 1 
ATOM   146 C  "C5'" . DT  A 1 8  ? -4.404  -7.405  0.071   1.00 15.06 ? 8   DT  A "C5'" 1 
ATOM   147 C  "C4'" . DT  A 1 8  ? -3.845  -6.939  1.391   1.00 15.77 ? 8   DT  A "C4'" 1 
ATOM   148 O  "O4'" . DT  A 1 8  ? -3.786  -5.494  1.419   1.00 20.56 ? 8   DT  A "O4'" 1 
ATOM   149 C  "C3'" . DT  A 1 8  ? -4.662  -7.350  2.612   1.00 28.07 ? 8   DT  A "C3'" 1 
ATOM   150 O  "O3'" . DT  A 1 8  ? -3.912  -8.281  3.398   1.00 23.41 ? 8   DT  A "O3'" 1 
ATOM   151 C  "C2'" . DT  A 1 8  ? -4.931  -6.075  3.368   1.00 21.63 ? 8   DT  A "C2'" 1 
ATOM   152 C  "C1'" . DT  A 1 8  ? -3.960  -5.076  2.772   1.00 22.75 ? 8   DT  A "C1'" 1 
ATOM   153 N  N1    . DT  A 1 8  ? -4.418  -3.682  2.734   1.00 19.40 ? 8   DT  A N1    1 
ATOM   154 C  C2    . DT  A 1 8  ? -3.694  -2.743  3.433   1.00 17.33 ? 8   DT  A C2    1 
ATOM   155 O  O2    . DT  A 1 8  ? -2.696  -3.014  4.081   1.00 26.68 ? 8   DT  A O2    1 
ATOM   156 N  N3    . DT  A 1 8  ? -4.182  -1.463  3.347   1.00 21.64 ? 8   DT  A N3    1 
ATOM   157 C  C4    . DT  A 1 8  ? -5.297  -1.038  2.649   1.00 14.88 ? 8   DT  A C4    1 
ATOM   158 O  O4    . DT  A 1 8  ? -5.610  0.148   2.668   1.00 15.70 ? 8   DT  A O4    1 
ATOM   159 C  C5    . DT  A 1 8  ? -6.007  -2.075  1.937   1.00 27.09 ? 8   DT  A C5    1 
ATOM   160 C  C7    . DT  A 1 8  ? -7.226  -1.710  1.150   1.00 28.58 ? 8   DT  A C7    1 
ATOM   161 C  C6    . DT  A 1 8  ? -5.538  -3.327  2.013   1.00 25.88 ? 8   DT  A C6    1 
ATOM   162 P  P     . DC  A 1 9  ? -4.519  -8.926  4.734   1.00 23.61 ? 9   DC  A P     1 
ATOM   163 O  OP1   . DC  A 1 9  ? -4.068  -10.342 4.800   1.00 19.97 ? 9   DC  A OP1   1 
ATOM   164 O  OP2   . DC  A 1 9  ? -5.965  -8.609  4.791   1.00 23.61 ? 9   DC  A OP2   1 
ATOM   165 O  "O5'" . DC  A 1 9  ? -3.781  -8.123  5.899   1.00 18.80 ? 9   DC  A "O5'" 1 
ATOM   166 C  "C5'" . DC  A 1 9  ? -2.360  -7.950  5.855   1.00 25.09 ? 9   DC  A "C5'" 1 
ATOM   167 C  "C4'" . DC  A 1 9  ? -1.928  -6.835  6.774   1.00 25.61 ? 9   DC  A "C4'" 1 
ATOM   168 O  "O4'" . DC  A 1 9  ? -2.547  -5.591  6.366   1.00 23.74 ? 9   DC  A "O4'" 1 
ATOM   169 C  "C3'" . DC  A 1 9  ? -2.296  -7.033  8.240   1.00 29.80 ? 9   DC  A "C3'" 1 
ATOM   170 O  "O3'" . DC  A 1 9  ? -1.161  -6.766  9.068   1.00 32.66 ? 9   DC  A "O3'" 1 
ATOM   171 C  "C2'" . DC  A 1 9  ? -3.398  -6.031  8.491   1.00 36.54 ? 9   DC  A "C2'" 1 
ATOM   172 C  "C1'" . DC  A 1 9  ? -3.055  -4.920  7.517   1.00 25.62 ? 9   DC  A "C1'" 1 
ATOM   173 N  N1    . DC  A 1 9  ? -4.178  -4.091  7.072   1.00 17.51 ? 9   DC  A N1    1 
ATOM   174 C  C2    . DC  A 1 9  ? -4.189  -2.734  7.398   1.00 17.24 ? 9   DC  A C2    1 
ATOM   175 O  O2    . DC  A 1 9  ? -3.255  -2.254  8.058   1.00 15.38 ? 9   DC  A O2    1 
ATOM   176 N  N3    . DC  A 1 9  ? -5.225  -1.964  6.985   1.00 20.53 ? 9   DC  A N3    1 
ATOM   177 C  C4    . DC  A 1 9  ? -6.218  -2.505  6.276   1.00 20.68 ? 9   DC  A C4    1 
ATOM   178 N  N4    . DC  A 1 9  ? -7.219  -1.710  5.892   1.00 20.45 ? 9   DC  A N4    1 
ATOM   179 C  C5    . DC  A 1 9  ? -6.228  -3.886  5.929   1.00 22.12 ? 9   DC  A C5    1 
ATOM   180 C  C6    . DC  A 1 9  ? -5.199  -4.635  6.342   1.00 17.34 ? 9   DC  A C6    1 
ATOM   181 P  P     . DG  A 1 10 ? -0.724  -7.786  10.227  1.00 42.80 ? 10  DG  A P     1 
ATOM   182 O  OP1   . DG  A 1 10 ? 0.722   -8.079  10.056  1.00 39.88 ? 10  DG  A OP1   1 
ATOM   183 O  OP2   . DG  A 1 10 ? -1.707  -8.897  10.260  1.00 28.39 ? 10  DG  A OP2   1 
ATOM   184 O  "O5'" . DG  A 1 10 ? -0.900  -6.934  11.565  1.00 44.98 ? 10  DG  A "O5'" 1 
ATOM   185 C  "C5'" . DG  A 1 10 ? -2.148  -6.939  12.268  1.00 31.99 ? 10  DG  A "C5'" 1 
ATOM   186 C  "C4'" . DG  A 1 10 ? -2.436  -5.568  12.828  1.00 24.45 ? 10  DG  A "C4'" 1 
ATOM   187 O  "O4'" . DG  A 1 10 ? -3.181  -4.794  11.853  1.00 25.88 ? 10  DG  A "O4'" 1 
ATOM   188 C  "C3'" . DG  A 1 10 ? -3.290  -5.572  14.088  1.00 32.45 ? 10  DG  A "C3'" 1 
ATOM   189 O  "O3'" . DG  A 1 10 ? -2.937  -4.482  14.941  1.00 40.84 ? 10  DG  A "O3'" 1 
ATOM   190 C  "C2'" . DG  A 1 10 ? -4.688  -5.381  13.534  1.00 28.41 ? 10  DG  A "C2'" 1 
ATOM   191 C  "C1'" . DG  A 1 10 ? -4.397  -4.353  12.446  1.00 19.65 ? 10  DG  A "C1'" 1 
ATOM   192 N  N9    . DG  A 1 10 ? -5.433  -4.243  11.416  1.00 25.22 ? 10  DG  A N9    1 
ATOM   193 C  C8    . DG  A 1 10 ? -6.112  -5.239  10.755  1.00 23.01 ? 10  DG  A C8    1 
ATOM   194 N  N7    . DG  A 1 10 ? -6.979  -4.787  9.889   1.00 18.60 ? 10  DG  A N7    1 
ATOM   195 C  C5    . DG  A 1 10 ? -6.870  -3.407  9.981   1.00 20.29 ? 10  DG  A C5    1 
ATOM   196 C  C6    . DG  A 1 10 ? -7.556  -2.375  9.289   1.00 16.23 ? 10  DG  A C6    1 
ATOM   197 O  O6    . DG  A 1 10 ? -8.431  -2.481  8.422   1.00 16.56 ? 10  DG  A O6    1 
ATOM   198 N  N1    . DG  A 1 10 ? -7.129  -1.115  9.697   1.00 14.63 ? 10  DG  A N1    1 
ATOM   199 C  C2    . DG  A 1 10 ? -6.169  -0.872  10.646  1.00 14.21 ? 10  DG  A C2    1 
ATOM   200 N  N2    . DG  A 1 10 ? -5.894  0.415   10.904  1.00 17.57 ? 10  DG  A N2    1 
ATOM   201 N  N3    . DG  A 1 10 ? -5.522  -1.823  11.299  1.00 19.48 ? 10  DG  A N3    1 
ATOM   202 C  C4    . DG  A 1 10 ? -5.923  -3.053  10.917  1.00 19.27 ? 10  DG  A C4    1 
ATOM   203 P  P     . DC  A 1 11 ? -2.232  -4.738  16.360  1.00 42.00 ? 11  DC  A P     1 
ATOM   204 O  OP1   . DC  A 1 11 ? -0.959  -5.461  16.114  1.00 51.38 ? 11  DC  A OP1   1 
ATOM   205 O  OP2   . DC  A 1 11 ? -3.245  -5.318  17.277  1.00 39.93 ? 11  DC  A OP2   1 
ATOM   206 O  "O5'" . DC  A 1 11 ? -1.877  -3.270  16.873  1.00 40.46 ? 11  DC  A "O5'" 1 
ATOM   207 C  "C5'" . DC  A 1 11 ? -0.889  -2.480  16.203  1.00 39.50 ? 11  DC  A "C5'" 1 
ATOM   208 C  "C4'" . DC  A 1 11 ? -1.445  -1.118  15.866  1.00 39.04 ? 11  DC  A "C4'" 1 
ATOM   209 O  "O4'" . DC  A 1 11 ? -2.596  -1.261  15.002  1.00 37.00 ? 11  DC  A "O4'" 1 
ATOM   210 C  "C3'" . DC  A 1 11 ? -1.918  -0.307  17.064  1.00 23.67 ? 11  DC  A "C3'" 1 
ATOM   211 O  "O3'" . DC  A 1 11 ? -1.509  1.057   16.932  1.00 31.70 ? 11  DC  A "O3'" 1 
ATOM   212 C  "C2'" . DC  A 1 11 ? -3.423  -0.426  17.025  1.00 23.30 ? 11  DC  A "C2'" 1 
ATOM   213 C  "C1'" . DC  A 1 11 ? -3.693  -0.526  15.535  1.00 30.39 ? 11  DC  A "C1'" 1 
ATOM   214 N  N1    . DC  A 1 11 ? -4.917  -1.245  15.165  1.00 26.09 ? 11  DC  A N1    1 
ATOM   215 C  C2    . DC  A 1 11 ? -5.803  -0.632  14.276  1.00 27.64 ? 11  DC  A C2    1 
ATOM   216 O  O2    . DC  A 1 11 ? -5.527  0.492   13.833  1.00 40.25 ? 11  DC  A O2    1 
ATOM   217 N  N3    . DC  A 1 11 ? -6.935  -1.283  13.922  1.00 24.71 ? 11  DC  A N3    1 
ATOM   218 C  C4    . DC  A 1 11 ? -7.191  -2.494  14.420  1.00 27.82 ? 11  DC  A C4    1 
ATOM   219 N  N4    . DC  A 1 11 ? -8.322  -3.100  14.046  1.00 25.76 ? 11  DC  A N4    1 
ATOM   220 C  C5    . DC  A 1 11 ? -6.305  -3.139  15.331  1.00 29.36 ? 11  DC  A C5    1 
ATOM   221 C  C6    . DC  A 1 11 ? -5.187  -2.484  15.672  1.00 27.32 ? 11  DC  A C6    1 
ATOM   222 P  P     . DG  A 1 12 ? -1.303  1.954   18.250  1.00 27.50 ? 12  DG  A P     1 
ATOM   223 O  OP1   . DG  A 1 12 ? -0.517  3.152   17.866  1.00 27.61 ? 12  DG  A OP1   1 
ATOM   224 O  OP2   . DG  A 1 12 ? -0.812  1.061   19.330  1.00 22.77 ? 12  DG  A OP2   1 
ATOM   225 O  "O5'" . DG  A 1 12 ? -2.777  2.423   18.629  1.00 21.69 ? 12  DG  A "O5'" 1 
ATOM   226 C  "C5'" . DG  A 1 12 ? -3.454  3.441   17.884  1.00 20.21 ? 12  DG  A "C5'" 1 
ATOM   227 C  "C4'" . DG  A 1 12 ? -4.896  3.529   18.322  1.00 17.45 ? 12  DG  A "C4'" 1 
ATOM   228 O  "O4'" . DG  A 1 12 ? -5.657  2.468   17.694  1.00 20.02 ? 12  DG  A "O4'" 1 
ATOM   229 C  "C3'" . DG  A 1 12 ? -5.132  3.354   19.815  1.00 13.04 ? 12  DG  A "C3'" 1 
ATOM   230 O  "O3'" . DG  A 1 12 ? -5.335  4.626   20.439  1.00 14.30 ? 12  DG  A "O3'" 1 
ATOM   231 C  "C2'" . DG  A 1 12 ? -6.367  2.501   19.933  1.00 17.55 ? 12  DG  A "C2'" 1 
ATOM   232 C  "C1'" . DG  A 1 12 ? -6.799  2.226   18.506  1.00 20.31 ? 12  DG  A "C1'" 1 
ATOM   233 N  N9    . DG  A 1 12 ? -7.245  0.844   18.270  1.00 21.04 ? 12  DG  A N9    1 
ATOM   234 C  C8    . DG  A 1 12 ? -6.738  -0.313  18.813  1.00 20.45 ? 12  DG  A C8    1 
ATOM   235 N  N7    . DG  A 1 12 ? -7.355  -1.386  18.403  1.00 15.59 ? 12  DG  A N7    1 
ATOM   236 C  C5    . DG  A 1 12 ? -8.331  -0.910  17.538  1.00 17.41 ? 12  DG  A C5    1 
ATOM   237 C  C6    . DG  A 1 12 ? -9.311  -1.607  16.787  1.00 16.74 ? 12  DG  A C6    1 
ATOM   238 O  O6    . DG  A 1 12 ? -9.518  -2.826  16.736  1.00 20.02 ? 12  DG  A O6    1 
ATOM   239 N  N1    . DG  A 1 12 ? -10.098 -0.739  16.040  1.00 13.74 ? 12  DG  A N1    1 
ATOM   240 C  C2    . DG  A 1 12 ? -9.963  0.627   16.015  1.00 12.43 ? 12  DG  A C2    1 
ATOM   241 N  N2    . DG  A 1 12 ? -10.823 1.290   15.228  1.00 13.02 ? 12  DG  A N2    1 
ATOM   242 N  N3    . DG  A 1 12 ? -9.054  1.290   16.710  1.00 10.04 ? 12  DG  A N3    1 
ATOM   243 C  C4    . DG  A 1 12 ? -8.277  0.465   17.444  1.00 20.50 ? 12  DG  A C4    1 
ATOM   244 O  "O5'" . DC  B 1 1  ? -19.412 -1.451  11.242  1.00 44.52 ? 13  DC  B "O5'" 1 
ATOM   245 C  "C5'" . DC  B 1 1  ? -18.282 -1.750  12.057  1.00 23.33 ? 13  DC  B "C5'" 1 
ATOM   246 C  "C4'" . DC  B 1 1  ? -17.216 -0.692  11.892  1.00 19.81 ? 13  DC  B "C4'" 1 
ATOM   247 O  "O4'" . DC  B 1 1  ? -16.304 -0.750  13.017  1.00 16.10 ? 13  DC  B "O4'" 1 
ATOM   248 C  "C3'" . DC  B 1 1  ? -16.344 -0.847  10.654  1.00 15.98 ? 13  DC  B "C3'" 1 
ATOM   249 O  "O3'" . DC  B 1 1  ? -15.918 0.428   10.174  1.00 19.82 ? 13  DC  B "O3'" 1 
ATOM   250 C  "C2'" . DC  B 1 1  ? -15.156 -1.627  11.179  1.00 19.54 ? 13  DC  B "C2'" 1 
ATOM   251 C  "C1'" . DC  B 1 1  ? -14.981 -0.968  12.542  1.00 14.40 ? 13  DC  B "C1'" 1 
ATOM   252 N  N1    . DC  B 1 1  ? -14.256 -1.776  13.523  1.00 16.31 ? 13  DC  B N1    1 
ATOM   253 C  C2    . DC  B 1 1  ? -13.042 -1.282  14.014  1.00 15.26 ? 13  DC  B C2    1 
ATOM   254 O  O2    . DC  B 1 1  ? -12.636 -0.186  13.600  1.00 18.32 ? 13  DC  B O2    1 
ATOM   255 N  N3    . DC  B 1 1  ? -12.354 -2.010  14.921  1.00 11.72 ? 13  DC  B N3    1 
ATOM   256 C  C4    . DC  B 1 1  ? -12.832 -3.186  15.338  1.00 10.23 ? 13  DC  B C4    1 
ATOM   257 N  N4    . DC  B 1 1  ? -12.114 -3.866  16.235  1.00 13.68 ? 13  DC  B N4    1 
ATOM   258 C  C5    . DC  B 1 1  ? -14.064 -3.710  14.854  1.00 10.10 ? 13  DC  B C5    1 
ATOM   259 C  C6    . DC  B 1 1  ? -14.737 -2.979  13.955  1.00 13.81 ? 13  DC  B C6    1 
ATOM   260 P  P     . DG  B 1 2  ? -16.513 1.045   8.818   1.00 19.92 ? 14  DG  B P     1 
ATOM   261 O  OP1   . DG  B 1 2  ? -17.979 1.194   8.985   1.00 19.47 ? 14  DG  B OP1   1 
ATOM   262 O  OP2   . DG  B 1 2  ? -15.976 0.257   7.680   1.00 21.49 ? 14  DG  B OP2   1 
ATOM   263 O  "O5'" . DG  B 1 2  ? -15.866 2.503   8.761   1.00 21.75 ? 14  DG  B "O5'" 1 
ATOM   264 C  "C5'" . DG  B 1 2  ? -16.065 3.434   9.832   1.00 23.10 ? 14  DG  B "C5'" 1 
ATOM   265 C  "C4'" . DG  B 1 2  ? -14.751 4.087   10.200  1.00 16.01 ? 14  DG  B "C4'" 1 
ATOM   266 O  "O4'" . DG  B 1 2  ? -13.962 3.164   10.979  1.00 18.13 ? 14  DG  B "O4'" 1 
ATOM   267 C  "C3'" . DG  B 1 2  ? -13.901 4.496   9.006   1.00 19.24 ? 14  DG  B "C3'" 1 
ATOM   268 O  "O3'" . DG  B 1 2  ? -13.646 5.904   9.036   1.00 22.59 ? 14  DG  B "O3'" 1 
ATOM   269 C  "C2'" . DG  B 1 2  ? -12.621 3.717   9.126   1.00 22.74 ? 14  DG  B "C2'" 1 
ATOM   270 C  "C1'" . DG  B 1 2  ? -12.614 3.167   10.535  1.00 18.92 ? 14  DG  B "C1'" 1 
ATOM   271 N  N9    . DG  B 1 2  ? -12.118 1.784   10.632  1.00 16.72 ? 14  DG  B N9    1 
ATOM   272 C  C8    . DG  B 1 2  ? -12.673 0.656   10.075  1.00 14.08 ? 14  DG  B C8    1 
ATOM   273 N  N7    . DG  B 1 2  ? -12.001 -0.431  10.337  1.00 22.38 ? 14  DG  B N7    1 
ATOM   274 C  C5    . DG  B 1 2  ? -10.936 0.004   11.115  1.00 20.34 ? 14  DG  B C5    1 
ATOM   275 C  C6    . DG  B 1 2  ? -9.870  -0.729  11.697  1.00 19.52 ? 14  DG  B C6    1 
ATOM   276 O  O6    . DG  B 1 2  ? -9.646  -1.944  11.640  1.00 17.01 ? 14  DG  B O6    1 
ATOM   277 N  N1    . DG  B 1 2  ? -9.008  0.101   12.408  1.00 12.97 ? 14  DG  B N1    1 
ATOM   278 C  C2    . DG  B 1 2  ? -9.154  1.460   12.539  1.00 12.78 ? 14  DG  B C2    1 
ATOM   279 N  N2    . DG  B 1 2  ? -8.215  2.082   13.267  1.00 13.13 ? 14  DG  B N2    1 
ATOM   280 N  N3    . DG  B 1 2  ? -10.143 2.153   12.001  1.00 12.53 ? 14  DG  B N3    1 
ATOM   281 C  C4    . DG  B 1 2  ? -10.994 1.369   11.305  1.00 16.77 ? 14  DG  B C4    1 
ATOM   282 P  P     . DC  B 1 3  ? -12.943 6.613   7.777   1.00 21.34 ? 15  DC  B P     1 
ATOM   283 O  OP1   . DC  B 1 3  ? -13.456 8.004   7.695   1.00 19.97 ? 15  DC  B OP1   1 
ATOM   284 O  OP2   . DC  B 1 3  ? -13.086 5.707   6.608   1.00 28.73 ? 15  DC  B OP2   1 
ATOM   285 O  "O5'" . DC  B 1 3  ? -11.403 6.671   8.170   1.00 17.35 ? 15  DC  B "O5'" 1 
ATOM   286 C  "C5'" . DC  B 1 3  ? -10.967 7.228   9.415   1.00 17.47 ? 15  DC  B "C5'" 1 
ATOM   287 C  "C4'" . DC  B 1 3  ? -9.558  6.767   9.712   1.00 16.20 ? 15  DC  B "C4'" 1 
ATOM   288 O  "O4'" . DC  B 1 3  ? -9.561  5.347   9.968   1.00 16.11 ? 15  DC  B "O4'" 1 
ATOM   289 C  "C3'" . DC  B 1 3  ? -8.576  6.968   8.567   1.00 17.99 ? 15  DC  B "C3'" 1 
ATOM   290 O  "O3'" . DC  B 1 3  ? -7.855  8.192   8.739   1.00 20.95 ? 15  DC  B "O3'" 1 
ATOM   291 C  "C2'" . DC  B 1 3  ? -7.650  5.786   8.640   1.00 26.00 ? 15  DC  B "C2'" 1 
ATOM   292 C  "C1'" . DC  B 1 3  ? -8.332  4.779   9.538   1.00 17.53 ? 15  DC  B "C1'" 1 
ATOM   293 N  N1    . DC  B 1 3  ? -8.648  3.501   8.884   1.00 16.02 ? 15  DC  B N1    1 
ATOM   294 C  C2    . DC  B 1 3  ? -7.967  2.357   9.311   1.00 11.55 ? 15  DC  B C2    1 
ATOM   295 O  O2    . DC  B 1 3  ? -7.131  2.473   10.219  1.00 13.43 ? 15  DC  B O2    1 
ATOM   296 N  N3    . DC  B 1 3  ? -8.241  1.168   8.728   1.00 14.69 ? 15  DC  B N3    1 
ATOM   297 C  C4    . DC  B 1 3  ? -9.153  1.098   7.753   1.00 16.34 ? 15  DC  B C4    1 
ATOM   298 N  N4    . DC  B 1 3  ? -9.392  -0.094  7.202   1.00 17.99 ? 15  DC  B N4    1 
ATOM   299 C  C5    . DC  B 1 3  ? -9.859  2.250   7.301   1.00 18.38 ? 15  DC  B C5    1 
ATOM   300 C  C6    . DC  B 1 3  ? -9.578  3.420   7.888   1.00 19.57 ? 15  DC  B C6    1 
ATOM   301 P  P     . DG  B 1 4  ? -6.880  8.725   7.580   1.00 21.82 ? 16  DG  B P     1 
ATOM   302 O  OP1   . DG  B 1 4  ? -6.891  10.209  7.627   1.00 34.95 ? 16  DG  B OP1   1 
ATOM   303 O  OP2   . DG  B 1 4  ? -7.242  8.028   6.319   1.00 18.21 ? 16  DG  B OP2   1 
ATOM   304 O  "O5'" . DG  B 1 4  ? -5.435  8.225   8.026   1.00 17.04 ? 16  DG  B "O5'" 1 
ATOM   305 C  "C5'" . DG  B 1 4  ? -4.909  8.524   9.323   1.00 13.87 ? 16  DG  B "C5'" 1 
ATOM   306 C  "C4'" . DG  B 1 4  ? -3.687  7.678   9.597   1.00 17.38 ? 16  DG  B "C4'" 1 
ATOM   307 O  "O4'" . DG  B 1 4  ? -4.021  6.280   9.453   1.00 16.12 ? 16  DG  B "O4'" 1 
ATOM   308 C  "C3'" . DG  B 1 4  ? -2.514  7.930   8.658   1.00 24.96 ? 16  DG  B "C3'" 1 
ATOM   309 O  "O3'" . DG  B 1 4  ? -1.284  7.883   9.383   1.00 30.78 ? 16  DG  B "O3'" 1 
ATOM   310 C  "C2'" . DG  B 1 4  ? -2.603  6.815   7.648   1.00 31.76 ? 16  DG  B "C2'" 1 
ATOM   311 C  "C1'" . DG  B 1 4  ? -3.249  5.683   8.421   1.00 20.14 ? 16  DG  B "C1'" 1 
ATOM   312 N  N9    . DG  B 1 4  ? -4.163  4.849   7.624   1.00 21.98 ? 16  DG  B N9    1 
ATOM   313 C  C8    . DG  B 1 4  ? -5.062  5.251   6.666   1.00 18.90 ? 16  DG  B C8    1 
ATOM   314 N  N7    . DG  B 1 4  ? -5.730  4.263   6.139   1.00 19.27 ? 16  DG  B N7    1 
ATOM   315 C  C5    . DG  B 1 4  ? -5.243  3.135   6.786   1.00 13.50 ? 16  DG  B C5    1 
ATOM   316 C  C6    . DG  B 1 4  ? -5.588  1.768   6.636   1.00 13.67 ? 16  DG  B C6    1 
ATOM   317 O  O6    . DG  B 1 4  ? -6.419  1.258   5.875   1.00 17.95 ? 16  DG  B O6    1 
ATOM   318 N  N1    . DG  B 1 4  ? -4.847  0.959   7.491   1.00 10.77 ? 16  DG  B N1    1 
ATOM   319 C  C2    . DG  B 1 4  ? -3.898  1.403   8.378   1.00 15.24 ? 16  DG  B C2    1 
ATOM   320 N  N2    . DG  B 1 4  ? -3.291  0.465   9.119   1.00 13.37 ? 16  DG  B N2    1 
ATOM   321 N  N3    . DG  B 1 4  ? -3.569  2.676   8.528   1.00 16.72 ? 16  DG  B N3    1 
ATOM   322 C  C4    . DG  B 1 4  ? -4.276  3.480   7.707   1.00 13.04 ? 16  DG  B C4    1 
ATOM   323 P  P     . DA  B 1 5  ? 0.114   7.666   8.626   1.00 27.74 ? 17  DA  B P     1 
ATOM   324 O  OP1   . DA  B 1 5  ? 1.159   8.400   9.384   1.00 38.97 ? 17  DA  B OP1   1 
ATOM   325 O  OP2   . DA  B 1 5  ? -0.089  7.957   7.186   1.00 23.59 ? 17  DA  B OP2   1 
ATOM   326 O  "O5'" . DA  B 1 5  ? 0.393   6.104   8.787   1.00 29.75 ? 17  DA  B "O5'" 1 
ATOM   327 C  "C5'" . DA  B 1 5  ? 0.284   5.473   10.069  1.00 22.97 ? 17  DA  B "C5'" 1 
ATOM   328 C  "C4'" . DA  B 1 5  ? 0.780   4.049   9.993   1.00 24.39 ? 17  DA  B "C4'" 1 
ATOM   329 O  "O4'" . DA  B 1 5  ? -0.153  3.253   9.231   1.00 23.44 ? 17  DA  B "O4'" 1 
ATOM   330 C  "C3'" . DA  B 1 5  ? 2.128   3.877   9.304   1.00 29.08 ? 17  DA  B "C3'" 1 
ATOM   331 O  "O3'" . DA  B 1 5  ? 2.874   2.833   9.932   1.00 27.24 ? 17  DA  B "O3'" 1 
ATOM   332 C  "C2'" . DA  B 1 5  ? 1.761   3.522   7.884   1.00 24.43 ? 17  DA  B "C2'" 1 
ATOM   333 C  "C1'" . DA  B 1 5  ? 0.459   2.760   8.047   1.00 26.06 ? 17  DA  B "C1'" 1 
ATOM   334 N  N9    . DA  B 1 5  ? -0.503  2.945   6.952   1.00 20.91 ? 17  DA  B N9    1 
ATOM   335 C  C8    . DA  B 1 5  ? -0.865  4.119   6.342   1.00 20.07 ? 17  DA  B C8    1 
ATOM   336 N  N7    . DA  B 1 5  ? -1.754  3.966   5.391   1.00 11.57 ? 17  DA  B N7    1 
ATOM   337 C  C5    . DA  B 1 5  ? -1.994  2.600   5.376   1.00 12.74 ? 17  DA  B C5    1 
ATOM   338 C  C6    . DA  B 1 5  ? -2.840  1.797   4.591   1.00 11.64 ? 17  DA  B C6    1 
ATOM   339 N  N6    . DA  B 1 5  ? -3.632  2.280   3.630   1.00 19.62 ? 17  DA  B N6    1 
ATOM   340 N  N1    . DA  B 1 5  ? -2.843  0.468   4.830   1.00 14.96 ? 17  DA  B N1    1 
ATOM   341 C  C2    . DA  B 1 5  ? -2.048  -0.012  5.794   1.00 19.05 ? 17  DA  B C2    1 
ATOM   342 N  N3    . DA  B 1 5  ? -1.209  0.640   6.596   1.00 14.67 ? 17  DA  B N3    1 
ATOM   343 C  C4    . DA  B 1 5  ? -1.230  1.958   6.335   1.00 16.08 ? 17  DA  B C4    1 
ATOM   344 P  P     . DA  B 1 6  ? 4.328   2.419   9.393   1.00 28.61 ? 18  DA  B P     1 
ATOM   345 O  OP1   . DA  B 1 6  ? 5.133   1.972   10.559  1.00 32.79 ? 18  DA  B OP1   1 
ATOM   346 O  OP2   . DA  B 1 6  ? 4.829   3.513   8.525   1.00 32.69 ? 18  DA  B OP2   1 
ATOM   347 O  "O5'" . DA  B 1 6  ? 4.045   1.147   8.473   1.00 20.68 ? 18  DA  B "O5'" 1 
ATOM   348 C  "C5'" . DA  B 1 6  ? 3.309   0.026   8.976   1.00 16.65 ? 18  DA  B "C5'" 1 
ATOM   349 C  "C4'" . DA  B 1 6  ? 3.080   -0.975  7.866   1.00 23.35 ? 18  DA  B "C4'" 1 
ATOM   350 O  "O4'" . DA  B 1 6  ? 2.050   -0.486  6.979   1.00 18.61 ? 18  DA  B "O4'" 1 
ATOM   351 C  "C3'" . DA  B 1 6  ? 4.305   -1.245  7.003   1.00 16.38 ? 18  DA  B "C3'" 1 
ATOM   352 O  "O3'" . DA  B 1 6  ? 4.642   -2.634  7.056   1.00 22.79 ? 18  DA  B "O3'" 1 
ATOM   353 C  "C2'" . DA  B 1 6  ? 3.919   -0.823  5.609   1.00 24.36 ? 18  DA  B "C2'" 1 
ATOM   354 C  "C1'" . DA  B 1 6  ? 2.405   -0.791  5.634   1.00 19.88 ? 18  DA  B "C1'" 1 
ATOM   355 N  N9    . DA  B 1 6  ? 1.785   0.233   4.785   1.00 23.41 ? 18  DA  B N9    1 
ATOM   356 C  C8    . DA  B 1 6  ? 2.072   1.574   4.741   1.00 30.22 ? 18  DA  B C8    1 
ATOM   357 N  N7    . DA  B 1 6  ? 1.345   2.242   3.877   1.00 22.50 ? 18  DA  B N7    1 
ATOM   358 C  C5    . DA  B 1 6  ? 0.523   1.274   3.316   1.00 14.26 ? 18  DA  B C5    1 
ATOM   359 C  C6    . DA  B 1 6  ? -0.478  1.341   2.332   1.00 15.74 ? 18  DA  B C6    1 
ATOM   360 N  N6    . DA  B 1 6  ? -0.838  2.468   1.712   1.00 15.49 ? 18  DA  B N6    1 
ATOM   361 N  N1    . DA  B 1 6  ? -1.109  0.192   2.001   1.00 13.71 ? 18  DA  B N1    1 
ATOM   362 C  C2    . DA  B 1 6  ? -0.749  -0.939  2.622   1.00 15.73 ? 18  DA  B C2    1 
ATOM   363 N  N3    . DA  B 1 6  ? 0.175   -1.127  3.561   1.00 18.90 ? 18  DA  B N3    1 
ATOM   364 C  C4    . DA  B 1 6  ? 0.782   0.032   3.868   1.00 17.10 ? 18  DA  B C4    1 
ATOM   365 P  P     . DT  B 1 7  ? 5.907   -3.208  6.251   1.00 24.83 ? 19  DT  B P     1 
ATOM   366 O  OP1   . DT  B 1 7  ? 6.541   -4.257  7.087   1.00 43.68 ? 19  DT  B OP1   1 
ATOM   367 O  OP2   . DT  B 1 7  ? 6.708   -2.057  5.771   1.00 26.99 ? 19  DT  B OP2   1 
ATOM   368 O  "O5'" . DT  B 1 7  ? 5.245   -3.918  4.985   1.00 25.13 ? 19  DT  B "O5'" 1 
ATOM   369 C  "C5'" . DT  B 1 7  ? 3.962   -4.547  5.093   1.00 21.40 ? 19  DT  B "C5'" 1 
ATOM   370 C  "C4'" . DT  B 1 7  ? 3.363   -4.750  3.724   1.00 14.14 ? 19  DT  B "C4'" 1 
ATOM   371 O  "O4'" . DT  B 1 7  ? 2.764   -3.518  3.262   1.00 12.94 ? 19  DT  B "O4'" 1 
ATOM   372 C  "C3'" . DT  B 1 7  ? 4.357   -5.171  2.646   1.00 18.84 ? 19  DT  B "C3'" 1 
ATOM   373 O  "O3'" . DT  B 1 7  ? 4.006   -6.466  2.152   1.00 21.70 ? 19  DT  B "O3'" 1 
ATOM   374 C  "C2'" . DT  B 1 7  ? 4.250   -4.119  1.570   1.00 20.78 ? 19  DT  B "C2'" 1 
ATOM   375 C  "C1'" . DT  B 1 7  ? 2.906   -3.470  1.844   1.00 16.58 ? 19  DT  B "C1'" 1 
ATOM   376 N  N1    . DT  B 1 7  ? 2.781   -2.065  1.440   1.00 14.72 ? 19  DT  B N1    1 
ATOM   377 C  C2    . DT  B 1 7  ? 1.776   -1.733  0.559   1.00 16.40 ? 19  DT  B C2    1 
ATOM   378 O  O2    . DT  B 1 7  ? 0.995   -2.551  0.101   1.00 17.54 ? 19  DT  B O2    1 
ATOM   379 N  N3    . DT  B 1 7  ? 1.720   -0.402  0.231   1.00 13.47 ? 19  DT  B N3    1 
ATOM   380 C  C4    . DT  B 1 7  ? 2.545   0.607   0.687   1.00 11.04 ? 19  DT  B C4    1 
ATOM   381 O  O4    . DT  B 1 7  ? 2.370   1.760   0.301   1.00 17.65 ? 19  DT  B O4    1 
ATOM   382 C  C5    . DT  B 1 7  ? 3.576   0.189   1.609   1.00 21.54 ? 19  DT  B C5    1 
ATOM   383 C  C7    . DT  B 1 7  ? 4.520   1.212   2.156   1.00 23.87 ? 19  DT  B C7    1 
ATOM   384 C  C6    . DT  B 1 7  ? 3.640   -1.108  1.936   1.00 12.63 ? 19  DT  B C6    1 
ATOM   385 P  P     . DT  B 1 8  ? 4.917   -7.233  1.080   1.00 23.56 ? 20  DT  B P     1 
ATOM   386 O  OP1   . DT  B 1 8  ? 4.811   -8.690  1.350   1.00 35.35 ? 20  DT  B OP1   1 
ATOM   387 O  OP2   . DT  B 1 8  ? 6.252   -6.586  1.054   1.00 21.87 ? 20  DT  B OP2   1 
ATOM   388 O  "O5'" . DT  B 1 8  ? 4.192   -6.934  -0.310  1.00 19.38 ? 20  DT  B "O5'" 1 
ATOM   389 C  "C5'" . DT  B 1 8  ? 2.839   -7.353  -0.523  1.00 15.60 ? 20  DT  B "C5'" 1 
ATOM   390 C  "C4'" . DT  B 1 8  ? 2.294   -6.744  -1.790  1.00 17.93 ? 20  DT  B "C4'" 1 
ATOM   391 O  "O4'" . DT  B 1 8  ? 2.304   -5.300  -1.686  1.00 19.17 ? 20  DT  B "O4'" 1 
ATOM   392 C  "C3'" . DT  B 1 8  ? 3.077   -7.079  -3.055  1.00 13.98 ? 20  DT  B "C3'" 1 
ATOM   393 O  "O3'" . DT  B 1 8  ? 2.240   -7.805  -3.958  1.00 15.45 ? 20  DT  B "O3'" 1 
ATOM   394 C  "C2'" . DT  B 1 8  ? 3.490   -5.749  -3.636  1.00 18.13 ? 20  DT  B "C2'" 1 
ATOM   395 C  "C1'" . DT  B 1 8  ? 2.529   -4.769  -2.990  1.00 15.65 ? 20  DT  B "C1'" 1 
ATOM   396 N  N1    . DT  B 1 8  ? 3.016   -3.397  -2.817  1.00 12.65 ? 20  DT  B N1    1 
ATOM   397 C  C2    . DT  B 1 8  ? 2.329   -2.379  -3.436  1.00 15.58 ? 20  DT  B C2    1 
ATOM   398 O  O2    . DT  B 1 8  ? 1.341   -2.562  -4.129  1.00 18.59 ? 20  DT  B O2    1 
ATOM   399 N  N3    . DT  B 1 8  ? 2.846   -1.125  -3.222  1.00 19.63 ? 20  DT  B N3    1 
ATOM   400 C  C4    . DT  B 1 8  ? 3.952   -0.793  -2.464  1.00 15.84 ? 20  DT  B C4    1 
ATOM   401 O  O4    . DT  B 1 8  ? 4.295   0.383   -2.366  1.00 16.03 ? 20  DT  B O4    1 
ATOM   402 C  C5    . DT  B 1 8  ? 4.622   -1.910  -1.839  1.00 12.84 ? 20  DT  B C5    1 
ATOM   403 C  C7    . DT  B 1 8  ? 5.833   -1.657  -0.996  1.00 22.81 ? 20  DT  B C7    1 
ATOM   404 C  C6    . DT  B 1 8  ? 4.126   -3.137  -2.043  1.00 16.72 ? 20  DT  B C6    1 
ATOM   405 P  P     . DC  B 1 9  ? 2.856   -8.551  -5.240  1.00 22.58 ? 21  DC  B P     1 
ATOM   406 O  OP1   . DC  B 1 9  ? 2.109   -9.819  -5.428  1.00 24.29 ? 21  DC  B OP1   1 
ATOM   407 O  OP2   . DC  B 1 9  ? 4.331   -8.570  -5.097  1.00 32.97 ? 21  DC  B OP2   1 
ATOM   408 O  "O5'" . DC  B 1 9  ? 2.486   -7.576  -6.447  1.00 15.01 ? 21  DC  B "O5'" 1 
ATOM   409 C  "C5'" . DC  B 1 9  ? 1.139   -7.114  -6.608  1.00 14.74 ? 21  DC  B "C5'" 1 
ATOM   410 C  "C4'" . DC  B 1 9  ? 1.104   -5.969  -7.593  1.00 9.97  ? 21  DC  B "C4'" 1 
ATOM   411 O  "O4'" . DC  B 1 9  ? 1.653   -4.782  -6.980  1.00 12.93 ? 21  DC  B "O4'" 1 
ATOM   412 C  "C3'" . DC  B 1 9  ? 1.913   -6.208  -8.864  1.00 9.14  ? 21  DC  B "C3'" 1 
ATOM   413 O  "O3'" . DC  B 1 9  ? 1.040   -6.177  -9.996  1.00 13.16 ? 21  DC  B "O3'" 1 
ATOM   414 C  "C2'" . DC  B 1 9  ? 2.928   -5.095  -8.909  1.00 13.56 ? 21  DC  B "C2'" 1 
ATOM   415 C  "C1'" . DC  B 1 9  ? 2.367   -4.048  -7.970  1.00 9.47  ? 21  DC  B "C1'" 1 
ATOM   416 N  N1    . DC  B 1 9  ? 3.348   -3.226  -7.251  1.00 13.11 ? 21  DC  B N1    1 
ATOM   417 C  C2    . DC  B 1 9  ? 3.277   -1.837  -7.384  1.00 11.99 ? 21  DC  B C2    1 
ATOM   418 O  O2    . DC  B 1 9  ? 2.396   -1.347  -8.107  1.00 12.46 ? 21  DC  B O2    1 
ATOM   419 N  N3    . DC  B 1 9  ? 4.171   -1.065  -6.723  1.00 10.83 ? 21  DC  B N3    1 
ATOM   420 C  C4    . DC  B 1 9  ? 5.104   -1.631  -5.954  1.00 16.59 ? 21  DC  B C4    1 
ATOM   421 N  N4    . DC  B 1 9  ? 5.966   -0.832  -5.321  1.00 15.19 ? 21  DC  B N4    1 
ATOM   422 C  C5    . DC  B 1 9  ? 5.196   -3.045  -5.798  1.00 10.82 ? 21  DC  B C5    1 
ATOM   423 C  C6    . DC  B 1 9  ? 4.304   -3.795  -6.458  1.00 14.07 ? 21  DC  B C6    1 
ATOM   424 P  P     . DG  B 1 10 ? 1.444   -6.863  -11.388 1.00 14.41 ? 22  DG  B P     1 
ATOM   425 O  OP1   . DG  B 1 10 ? 0.189   -7.288  -12.063 1.00 15.45 ? 22  DG  B OP1   1 
ATOM   426 O  OP2   . DG  B 1 10 ? 2.525   -7.841  -11.136 1.00 17.63 ? 22  DG  B OP2   1 
ATOM   427 O  "O5'" . DG  B 1 10 ? 2.054   -5.643  -12.225 1.00 13.99 ? 22  DG  B "O5'" 1 
ATOM   428 C  "C5'" . DG  B 1 10 ? 1.259   -4.470  -12.436 1.00 17.79 ? 22  DG  B "C5'" 1 
ATOM   429 C  "C4'" . DG  B 1 10 ? 2.110   -3.338  -12.947 1.00 14.69 ? 22  DG  B "C4'" 1 
ATOM   430 O  "O4'" . DG  B 1 10 ? 2.889   -2.776  -11.858 1.00 14.77 ? 22  DG  B "O4'" 1 
ATOM   431 C  "C3'" . DG  B 1 10 ? 3.124   -3.720  -14.018 1.00 15.53 ? 22  DG  B "C3'" 1 
ATOM   432 O  "O3'" . DG  B 1 10 ? 3.198   -2.695  -15.010 1.00 19.08 ? 22  DG  B "O3'" 1 
ATOM   433 C  "C2'" . DG  B 1 10 ? 4.430   -3.802  -13.252 1.00 12.96 ? 22  DG  B "C2'" 1 
ATOM   434 C  "C1'" . DG  B 1 10 ? 4.231   -2.620  -12.311 1.00 10.91 ? 22  DG  B "C1'" 1 
ATOM   435 N  N9    . DG  B 1 10 ? 5.124   -2.560  -11.151 1.00 12.06 ? 22  DG  B N9    1 
ATOM   436 C  C8    . DG  B 1 10 ? 5.728   -3.578  -10.455 1.00 11.49 ? 22  DG  B C8    1 
ATOM   437 N  N7    . DG  B 1 10 ? 6.468   -3.161  -9.463  1.00 9.03  ? 22  DG  B N7    1 
ATOM   438 C  C5    . DG  B 1 10 ? 6.347   -1.779  -9.503  1.00 10.56 ? 22  DG  B C5    1 
ATOM   439 C  C6    . DG  B 1 10 ? 6.918   -0.773  -8.680  1.00 6.89  ? 22  DG  B C6    1 
ATOM   440 O  O6    . DG  B 1 10 ? 7.675   -0.900  -7.711  1.00 11.70 ? 22  DG  B O6    1 
ATOM   441 N  N1    . DG  B 1 10 ? 6.522   0.499   -9.086  1.00 8.30  ? 22  DG  B N1    1 
ATOM   442 C  C2    . DG  B 1 10 ? 5.689   0.776   -10.140 1.00 8.00  ? 22  DG  B C2    1 
ATOM   443 N  N2    . DG  B 1 10 ? 5.425   2.070   -10.373 1.00 11.99 ? 22  DG  B N2    1 
ATOM   444 N  N3    . DG  B 1 10 ? 5.150   -0.151  -10.915 1.00 10.38 ? 22  DG  B N3    1 
ATOM   445 C  C4    . DG  B 1 10 ? 5.524   -1.391  -10.536 1.00 10.76 ? 22  DG  B C4    1 
ATOM   446 P  P     . DC  B 1 11 ? 3.283   -3.060  -16.569 1.00 20.63 ? 23  DC  B P     1 
ATOM   447 O  OP1   . DC  B 1 11 ? 1.990   -3.669  -16.968 1.00 27.11 ? 23  DC  B OP1   1 
ATOM   448 O  OP2   . DC  B 1 11 ? 4.553   -3.792  -16.799 1.00 20.98 ? 23  DC  B OP2   1 
ATOM   449 O  "O5'" . DC  B 1 11 ? 3.393   -1.634  -17.277 1.00 19.02 ? 23  DC  B "O5'" 1 
ATOM   450 C  "C5'" . DC  B 1 11 ? 2.528   -0.560  -16.884 1.00 16.03 ? 23  DC  B "C5'" 1 
ATOM   451 C  "C4'" . DC  B 1 11 ? 3.333   0.714   -16.742 1.00 20.63 ? 23  DC  B "C4'" 1 
ATOM   452 O  "O4'" . DC  B 1 11 ? 4.012   0.706   -15.467 1.00 17.45 ? 23  DC  B "O4'" 1 
ATOM   453 C  "C3'" . DC  B 1 11 ? 4.400   0.886   -17.810 1.00 18.42 ? 23  DC  B "C3'" 1 
ATOM   454 O  "O3'" . DC  B 1 11 ? 4.154   2.067   -18.582 1.00 22.59 ? 23  DC  B "O3'" 1 
ATOM   455 C  "C2'" . DC  B 1 11 ? 5.707   0.998   -17.078 1.00 23.69 ? 23  DC  B "C2'" 1 
ATOM   456 C  "C1'" . DC  B 1 11 ? 5.340   1.176   -15.620 1.00 20.15 ? 23  DC  B "C1'" 1 
ATOM   457 N  N1    . DC  B 1 11 ? 6.202   0.401   -14.714 1.00 14.90 ? 23  DC  B N1    1 
ATOM   458 C  C2    . DC  B 1 11 ? 7.000   1.091   -13.802 1.00 8.26  ? 23  DC  B C2    1 
ATOM   459 O  O2    . DC  B 1 11 ? 6.955   2.330   -13.782 1.00 11.31 ? 23  DC  B O2    1 
ATOM   460 N  N3    . DC  B 1 11 ? 7.799   0.386   -12.966 1.00 9.58  ? 23  DC  B N3    1 
ATOM   461 C  C4    . DC  B 1 11 ? 7.813   -0.948  -13.024 1.00 9.71  ? 23  DC  B C4    1 
ATOM   462 N  N4    . DC  B 1 11 ? 8.615   -1.606  -12.183 1.00 12.91 ? 23  DC  B N4    1 
ATOM   463 C  C5    . DC  B 1 11 ? 7.008   -1.673  -13.949 1.00 8.42  ? 23  DC  B C5    1 
ATOM   464 C  C6    . DC  B 1 11 ? 6.224   -0.964  -14.771 1.00 21.70 ? 23  DC  B C6    1 
ATOM   465 P  P     . DG  B 1 12 ? 5.064   2.356   -19.876 1.00 30.04 ? 24  DG  B P     1 
ATOM   466 O  OP1   . DG  B 1 12 ? 4.302   3.262   -20.772 1.00 40.22 ? 24  DG  B OP1   1 
ATOM   467 O  OP2   . DG  B 1 12 ? 5.553   1.051   -20.385 1.00 29.14 ? 24  DG  B OP2   1 
ATOM   468 O  "O5'" . DG  B 1 12 ? 6.312   3.163   -19.300 1.00 23.87 ? 24  DG  B "O5'" 1 
ATOM   469 C  "C5'" . DG  B 1 12 ? 6.198   4.549   -18.959 1.00 21.52 ? 24  DG  B "C5'" 1 
ATOM   470 C  "C4'" . DG  B 1 12 ? 7.443   5.023   -18.255 1.00 16.62 ? 24  DG  B "C4'" 1 
ATOM   471 O  "O4'" . DG  B 1 12 ? 7.619   4.300   -17.012 1.00 19.60 ? 24  DG  B "O4'" 1 
ATOM   472 C  "C3'" . DG  B 1 12 ? 8.749   4.789   -19.001 1.00 18.69 ? 24  DG  B "C3'" 1 
ATOM   473 O  "O3'" . DG  B 1 12 ? 9.004   5.850   -19.923 1.00 18.91 ? 24  DG  B "O3'" 1 
ATOM   474 C  "C2'" . DG  B 1 12 ? 9.773   4.768   -17.894 1.00 23.67 ? 24  DG  B "C2'" 1 
ATOM   475 C  "C1'" . DG  B 1 12 ? 9.003   4.250   -16.693 1.00 21.47 ? 24  DG  B "C1'" 1 
ATOM   476 N  N9    . DG  B 1 12 ? 9.331   2.860   -16.337 1.00 20.37 ? 24  DG  B N9    1 
ATOM   477 C  C8    . DG  B 1 12 ? 8.929   1.701   -16.955 1.00 22.93 ? 24  DG  B C8    1 
ATOM   478 N  N7    . DG  B 1 12 ? 9.398   0.624   -16.385 1.00 19.34 ? 24  DG  B N7    1 
ATOM   479 C  C5    . DG  B 1 12 ? 10.157  1.100   -15.327 1.00 15.15 ? 24  DG  B C5    1 
ATOM   480 C  C6    . DG  B 1 12 ? 10.911  0.402   -14.348 1.00 13.16 ? 24  DG  B C6    1 
ATOM   481 O  O6    . DG  B 1 12 ? 11.064  -0.817  -14.217 1.00 22.02 ? 24  DG  B O6    1 
ATOM   482 N  N1    . DG  B 1 12 ? 11.527  1.278   -13.459 1.00 10.19 ? 24  DG  B N1    1 
ATOM   483 C  C2    . DG  B 1 12 ? 11.432  2.647   -13.503 1.00 12.18 ? 24  DG  B C2    1 
ATOM   484 N  N2    . DG  B 1 12 ? 12.100  3.320   -12.554 1.00 15.08 ? 24  DG  B N2    1 
ATOM   485 N  N3    . DG  B 1 12 ? 10.732  3.309   -14.409 1.00 12.89 ? 24  DG  B N3    1 
ATOM   486 C  C4    . DG  B 1 12 ? 10.126  2.477   -15.282 1.00 14.91 ? 24  DG  B C4    1 
HETATM 487 C  C1    . BRN C 2 .  ? -0.476  -6.164  1.862   1.00 33.06 ? 25  BRN A C1    1 
HETATM 488 C  C2    . BRN C 2 .  ? -0.184  -7.015  2.922   1.00 39.12 ? 25  BRN A C2    1 
HETATM 489 C  C3    . BRN C 2 .  ? 0.086   -6.497  4.183   1.00 43.63 ? 25  BRN A C3    1 
HETATM 490 C  C4    . BRN C 2 .  ? 0.075   -5.102  4.436   1.00 37.83 ? 25  BRN A C4    1 
HETATM 491 C  C5    . BRN C 2 .  ? -0.225  -4.263  3.334   1.00 36.52 ? 25  BRN A C5    1 
HETATM 492 C  C6    . BRN C 2 .  ? -0.495  -4.781  2.074   1.00 31.63 ? 25  BRN A C6    1 
HETATM 493 C  C7    . BRN C 2 .  ? 0.347   -4.570  5.711   1.00 41.80 ? 25  BRN A C7    1 
HETATM 494 N  NA    . BRN C 2 .  ? -0.115  -3.380  6.117   1.00 25.91 ? 25  BRN A NA    1 
HETATM 495 N  NB    . BRN C 2 .  ? 1.090   -5.195  6.633   1.00 47.40 ? 25  BRN A NB    1 
HETATM 496 N  N1    . BRN C 2 .  ? -0.753  -6.741  0.554   1.00 29.89 ? 25  BRN A N1    1 
HETATM 497 N  N     . BRN C 2 .  ? -0.900  -6.029  -0.591  1.00 33.25 ? 25  BRN A N     1 
HETATM 498 N  "N1'" . BRN C 2 .  ? -1.164  -6.628  -1.776  1.00 30.57 ? 25  BRN A "N1'" 1 
HETATM 499 C  "C1'" . BRN C 2 .  ? -1.335  -5.946  -3.050  1.00 26.52 ? 25  BRN A "C1'" 1 
HETATM 500 C  "C2'" . BRN C 2 .  ? -1.145  -4.565  -3.179  1.00 23.34 ? 25  BRN A "C2'" 1 
HETATM 501 C  "C3'" . BRN C 2 .  ? -1.317  -3.947  -4.411  1.00 28.17 ? 25  BRN A "C3'" 1 
HETATM 502 C  "C4'" . BRN C 2 .  ? -1.689  -4.681  -5.568  1.00 31.12 ? 25  BRN A "C4'" 1 
HETATM 503 C  "C5'" . BRN C 2 .  ? -1.873  -6.076  -5.397  1.00 27.48 ? 25  BRN A "C5'" 1 
HETATM 504 C  "C6'" . BRN C 2 .  ? -1.699  -6.693  -4.164  1.00 32.69 ? 25  BRN A "C6'" 1 
HETATM 505 C  "C7'" . BRN C 2 .  ? -1.863  -4.052  -6.817  1.00 33.58 ? 25  BRN A "C7'" 1 
HETATM 506 N  "NA'" . BRN C 2 .  ? -1.385  -2.832  -7.096  1.00 48.76 ? 25  BRN A "NA'" 1 
HETATM 507 N  "NB'" . BRN C 2 .  ? -2.521  -4.613  -7.838  1.00 30.68 ? 25  BRN A "NB'" 1 
HETATM 508 MG MG    . MG  D 3 .  ? 10.992  -2.938  -6.680  1.00 13.49 ? 26  MG  A MG    1 
HETATM 509 O  O     . HOH E 4 .  ? 13.705  2.405   -4.579  1.00 19.19 ? 29  HOH A O     1 
HETATM 510 O  O     . HOH E 4 .  ? 11.452  12.185  -4.842  1.00 16.10 ? 30  HOH A O     1 
HETATM 511 O  O     . HOH E 4 .  ? -8.127  -1.142  -3.080  1.00 16.14 ? 32  HOH A O     1 
HETATM 512 O  O     . HOH E 4 .  ? 9.625   -0.729  -2.129  1.00 20.81 ? 34  HOH A O     1 
HETATM 513 O  O     . HOH E 4 .  ? 13.642  -0.160  -4.403  1.00 17.13 ? 35  HOH A O     1 
HETATM 514 O  O     . HOH E 4 .  ? 9.189   1.310   -3.126  1.00 21.13 ? 36  HOH A O     1 
HETATM 515 O  O     . HOH E 4 .  ? 13.432  -5.699  -8.956  1.00 19.97 ? 37  HOH A O     1 
HETATM 516 O  O     . HOH E 4 .  ? 12.320  -1.633  -2.845  1.00 21.26 ? 38  HOH A O     1 
HETATM 517 O  O     . HOH E 4 .  ? -9.010  -4.705  0.085   1.00 23.69 ? 40  HOH A O     1 
HETATM 518 O  O     . HOH E 4 .  ? -7.525  4.246   -12.360 1.00 18.95 ? 41  HOH A O     1 
HETATM 519 O  O     . HOH E 4 .  ? 6.592   2.499   -2.994  1.00 23.06 ? 42  HOH A O     1 
HETATM 520 O  O     . HOH E 4 .  ? -9.795  -2.004  -0.959  1.00 23.99 ? 43  HOH A O     1 
HETATM 521 O  O     . HOH E 4 .  ? 7.941   9.329   -2.891  1.00 22.99 ? 45  HOH A O     1 
HETATM 522 O  O     . HOH E 4 .  ? 16.932  -0.764  -11.535 1.00 20.68 ? 46  HOH A O     1 
HETATM 523 O  O     . HOH E 4 .  ? -9.284  1.594   -2.621  1.00 22.10 ? 47  HOH A O     1 
HETATM 524 O  O     . HOH E 4 .  ? -6.304  3.657   -5.121  1.00 21.01 ? 50  HOH A O     1 
HETATM 525 O  O     . HOH E 4 .  ? 1.406   4.256   -10.363 1.00 25.91 ? 51  HOH A O     1 
HETATM 526 O  O     . HOH E 4 .  ? 10.760  -4.543  -10.547 1.00 26.25 ? 52  HOH A O     1 
HETATM 527 O  O     . HOH E 4 .  ? 15.173  -2.648  -12.558 1.00 20.99 ? 53  HOH A O     1 
HETATM 528 O  O     . HOH E 4 .  ? 19.919  5.422   -6.785  1.00 29.16 ? 54  HOH A O     1 
HETATM 529 O  O     . HOH E 4 .  ? -4.849  -2.148  -10.944 1.00 29.92 ? 55  HOH A O     1 
HETATM 530 O  O     . HOH E 4 .  ? -6.594  6.927   -8.125  1.00 26.14 ? 56  HOH A O     1 
HETATM 531 O  O     . HOH E 4 .  ? -9.213  -2.799  4.293   1.00 19.15 ? 57  HOH A O     1 
HETATM 532 O  O     . HOH E 4 .  ? -9.026  2.384   0.059   1.00 30.89 ? 62  HOH A O     1 
HETATM 533 O  O     . HOH E 4 .  ? 11.428  3.278   -2.718  1.00 32.26 ? 63  HOH A O     1 
HETATM 534 O  O     . HOH E 4 .  ? 14.980  9.932   -5.248  1.00 26.88 ? 64  HOH A O     1 
HETATM 535 O  O     . HOH E 4 .  ? -7.551  2.185   2.241   1.00 27.24 ? 65  HOH A O     1 
HETATM 536 O  O     . HOH E 4 .  ? -4.449  4.249   0.109   1.00 27.30 ? 66  HOH A O     1 
HETATM 537 O  O     . HOH E 4 .  ? -10.412 -0.149  0.997   1.00 25.80 ? 69  HOH A O     1 
HETATM 538 O  O     . HOH E 4 .  ? -2.637  -1.024  12.007  1.00 30.02 ? 70  HOH A O     1 
HETATM 539 O  O     . HOH E 4 .  ? -2.793  5.474   -2.331  1.00 29.29 ? 72  HOH A O     1 
HETATM 540 O  O     . HOH E 4 .  ? -10.225 -0.482  3.565   1.00 26.65 ? 73  HOH A O     1 
HETATM 541 O  O     . HOH E 4 .  ? -1.123  -0.668  -8.314  1.00 30.51 ? 77  HOH A O     1 
HETATM 542 O  O     . HOH E 4 .  ? -8.561  -5.197  2.961   1.00 44.71 ? 78  HOH A O     1 
HETATM 543 O  O     . HOH E 4 .  ? -6.331  -3.846  19.109  1.00 31.17 ? 81  HOH A O     1 
HETATM 544 O  O     . HOH E 4 .  ? -0.815  0.918   11.773  1.00 35.67 ? 82  HOH A O     1 
HETATM 545 O  O     . HOH E 4 .  ? -1.870  -3.306  -9.945  1.00 27.96 ? 85  HOH A O     1 
HETATM 546 O  O     . HOH E 4 .  ? 1.489   6.015   -2.703  1.00 34.67 ? 87  HOH A O     1 
HETATM 547 O  O     . HOH E 4 .  ? 11.214  -6.818  -10.430 1.00 37.02 ? 88  HOH A O     1 
HETATM 548 O  O     . HOH E 4 .  ? 6.465   5.058   -3.219  1.00 34.53 ? 89  HOH A O     1 
HETATM 549 O  O     . HOH E 4 .  ? -0.402  2.142   -10.997 1.00 41.23 ? 91  HOH A O     1 
HETATM 550 O  O     . HOH E 4 .  ? -7.698  -6.826  5.789   1.00 33.49 ? 94  HOH A O     1 
HETATM 551 O  O     . HOH E 4 .  ? -7.567  -6.634  8.216   1.00 35.89 ? 95  HOH A O     1 
HETATM 552 O  O     . HOH E 4 .  ? -3.968  -0.268  20.749  1.00 32.82 ? 97  HOH A O     1 
HETATM 553 O  O     . HOH E 4 .  ? 1.080   2.511   -12.884 1.00 49.19 ? 99  HOH A O     1 
HETATM 554 O  O     . HOH E 4 .  ? 11.754  -0.965  -6.472  1.00 17.21 ? 100 HOH A O     1 
HETATM 555 O  O     . HOH E 4 .  ? 12.926  -3.624  -7.233  1.00 11.10 ? 101 HOH A O     1 
HETATM 556 O  O     . HOH E 4 .  ? 10.540  -2.551  -8.720  1.00 11.88 ? 102 HOH A O     1 
HETATM 557 O  O     . HOH F 4 .  ? 8.037   -2.196  -3.747  1.00 14.05 ? 27  HOH B O     1 
HETATM 558 O  O     . HOH F 4 .  ? 5.076   -6.984  -11.121 1.00 24.42 ? 28  HOH B O     1 
HETATM 559 O  O     . HOH F 4 .  ? 7.743   -5.092  -7.964  1.00 16.01 ? 31  HOH B O     1 
HETATM 560 O  O     . HOH F 4 .  ? 8.719   -4.572  -12.692 1.00 20.85 ? 33  HOH B O     1 
HETATM 561 O  O     . HOH F 4 .  ? 6.145   -6.411  -5.809  1.00 25.01 ? 39  HOH B O     1 
HETATM 562 O  O     . HOH F 4 .  ? -0.292  -1.790  8.161   1.00 21.07 ? 44  HOH B O     1 
HETATM 563 O  O     . HOH F 4 .  ? 0.971   -10.256 -8.130  1.00 25.57 ? 48  HOH B O     1 
HETATM 564 O  O     . HOH F 4 .  ? 3.008   0.621   -12.645 1.00 18.77 ? 49  HOH B O     1 
HETATM 565 O  O     . HOH F 4 .  ? -2.113  -5.487  -11.454 1.00 22.52 ? 58  HOH B O     1 
HETATM 566 O  O     . HOH F 4 .  ? 8.335   -7.847  -0.661  1.00 34.50 ? 59  HOH B O     1 
HETATM 567 O  O     . HOH F 4 .  ? 7.891   -6.397  3.196   1.00 35.06 ? 60  HOH B O     1 
HETATM 568 O  O     . HOH F 4 .  ? 6.629   -1.426  3.064   1.00 32.61 ? 61  HOH B O     1 
HETATM 569 O  O     . HOH F 4 .  ? -12.563 -2.414  8.671   1.00 29.04 ? 67  HOH B O     1 
HETATM 570 O  O     . HOH F 4 .  ? 6.780   -6.770  -12.849 1.00 32.84 ? 68  HOH B O     1 
HETATM 571 O  O     . HOH F 4 .  ? 0.587   -1.044  -10.633 1.00 32.69 ? 71  HOH B O     1 
HETATM 572 O  O     . HOH F 4 .  ? 3.116   4.072   0.975   1.00 26.01 ? 74  HOH B O     1 
HETATM 573 O  O     . HOH F 4 .  ? -22.316 -3.976  11.093  1.00 37.21 ? 75  HOH B O     1 
HETATM 574 O  O     . HOH F 4 .  ? -19.839 -0.821  8.539   1.00 37.69 ? 76  HOH B O     1 
HETATM 575 O  O     . HOH F 4 .  ? -2.397  6.001   3.754   1.00 31.89 ? 79  HOH B O     1 
HETATM 576 O  O     . HOH F 4 .  ? 8.271   -1.690  -17.314 1.00 40.12 ? 80  HOH B O     1 
HETATM 577 O  O     . HOH F 4 .  ? -18.529 -4.102  14.149  1.00 25.35 ? 83  HOH B O     1 
HETATM 578 O  O     . HOH F 4 .  ? 6.741   -5.043  -0.573  1.00 26.95 ? 84  HOH B O     1 
HETATM 579 O  O     . HOH F 4 .  ? -21.549 -2.905  13.586  1.00 25.90 ? 86  HOH B O     1 
HETATM 580 O  O     . HOH F 4 .  ? 4.973   -9.238  -7.646  1.00 34.21 ? 90  HOH B O     1 
HETATM 581 O  O     . HOH F 4 .  ? 1.409   4.857   3.615   1.00 25.96 ? 92  HOH B O     1 
HETATM 582 O  O     . HOH F 4 .  ? -0.271  5.222   1.754   1.00 36.44 ? 93  HOH B O     1 
HETATM 583 O  O     . HOH F 4 .  ? -1.303  -9.885  -6.418  1.00 29.72 ? 96  HOH B O     1 
HETATM 584 O  O     . HOH F 4 .  ? -0.209  -1.328  10.419  1.00 40.62 ? 98  HOH B O     1 
HETATM 585 O  O     . HOH F 4 .  ? 9.058   -2.253  -6.124  1.00 17.35 ? 99  HOH B O     1 
HETATM 586 O  O     . HOH F 4 .  ? 10.233  -4.911  -6.890  1.00 13.63 ? 100 HOH B O     1 
HETATM 587 O  O     . HOH F 4 .  ? 11.438  -3.326  -4.639  1.00 12.75 ? 101 HOH B O     1 
# 
loop_
_pdbx_poly_seq_scheme.asym_id 
_pdbx_poly_seq_scheme.entity_id 
_pdbx_poly_seq_scheme.seq_id 
_pdbx_poly_seq_scheme.mon_id 
_pdbx_poly_seq_scheme.ndb_seq_num 
_pdbx_poly_seq_scheme.pdb_seq_num 
_pdbx_poly_seq_scheme.auth_seq_num 
_pdbx_poly_seq_scheme.pdb_mon_id 
_pdbx_poly_seq_scheme.auth_mon_id 
_pdbx_poly_seq_scheme.pdb_strand_id 
_pdbx_poly_seq_scheme.pdb_ins_code 
_pdbx_poly_seq_scheme.hetero 
A 1 1  DC 1  1  1  DC C A . n 
A 1 2  DG 2  2  2  DG G A . n 
A 1 3  DC 3  3  3  DC C A . n 
A 1 4  DG 4  4  4  DG G A . n 
A 1 5  DA 5  5  5  DA A A . n 
A 1 6  DA 6  6  6  DA A A . n 
A 1 7  DT 7  7  7  DT T A . n 
A 1 8  DT 8  8  8  DT T A . n 
A 1 9  DC 9  9  9  DC C A . n 
A 1 10 DG 10 10 10 DG G A . n 
A 1 11 DC 11 11 11 DC C A . n 
A 1 12 DG 12 12 12 DG G A . n 
B 1 1  DC 1  13 13 DC C B . n 
B 1 2  DG 2  14 14 DG G B . n 
B 1 3  DC 3  15 15 DC C B . n 
B 1 4  DG 4  16 16 DG G B . n 
B 1 5  DA 5  17 17 DA A B . n 
B 1 6  DA 6  18 18 DA A B . n 
B 1 7  DT 7  19 19 DT T B . n 
B 1 8  DT 8  20 20 DT T B . n 
B 1 9  DC 9  21 21 DC C B . n 
B 1 10 DG 10 22 22 DG G B . n 
B 1 11 DC 11 23 23 DC C B . n 
B 1 12 DG 12 24 24 DG G B . n 
# 
loop_
_pdbx_nonpoly_scheme.asym_id 
_pdbx_nonpoly_scheme.entity_id 
_pdbx_nonpoly_scheme.mon_id 
_pdbx_nonpoly_scheme.ndb_seq_num 
_pdbx_nonpoly_scheme.pdb_seq_num 
_pdbx_nonpoly_scheme.auth_seq_num 
_pdbx_nonpoly_scheme.pdb_mon_id 
_pdbx_nonpoly_scheme.auth_mon_id 
_pdbx_nonpoly_scheme.pdb_strand_id 
_pdbx_nonpoly_scheme.pdb_ins_code 
C 2 BRN 1  25  25 BRN BRN A . 
D 3 MG  1  26  26 MG  MO6 A . 
E 4 HOH 1  29  29 HOH HOH A . 
E 4 HOH 2  30  30 HOH HOH A . 
E 4 HOH 3  32  32 HOH HOH A . 
E 4 HOH 4  34  34 HOH HOH A . 
E 4 HOH 5  35  35 HOH HOH A . 
E 4 HOH 6  36  36 HOH HOH A . 
E 4 HOH 7  37  37 HOH HOH A . 
E 4 HOH 8  38  38 HOH HOH A . 
E 4 HOH 9  40  40 HOH HOH A . 
E 4 HOH 10 41  41 HOH HOH A . 
E 4 HOH 11 42  42 HOH HOH A . 
E 4 HOH 12 43  43 HOH HOH A . 
E 4 HOH 13 45  45 HOH HOH A . 
E 4 HOH 14 46  46 HOH HOH A . 
E 4 HOH 15 47  47 HOH HOH A . 
E 4 HOH 16 50  50 HOH HOH A . 
E 4 HOH 17 51  51 HOH HOH A . 
E 4 HOH 18 52  52 HOH HOH A . 
E 4 HOH 19 53  53 HOH HOH A . 
E 4 HOH 20 54  54 HOH HOH A . 
E 4 HOH 21 55  55 HOH HOH A . 
E 4 HOH 22 56  56 HOH HOH A . 
E 4 HOH 23 57  57 HOH HOH A . 
E 4 HOH 24 62  62 HOH HOH A . 
E 4 HOH 25 63  63 HOH HOH A . 
E 4 HOH 26 64  64 HOH HOH A . 
E 4 HOH 27 65  65 HOH HOH A . 
E 4 HOH 28 66  66 HOH HOH A . 
E 4 HOH 29 69  69 HOH HOH A . 
E 4 HOH 30 70  70 HOH HOH A . 
E 4 HOH 31 72  72 HOH HOH A . 
E 4 HOH 32 73  73 HOH HOH A . 
E 4 HOH 33 77  77 HOH HOH A . 
E 4 HOH 34 78  78 HOH HOH A . 
E 4 HOH 35 81  81 HOH HOH A . 
E 4 HOH 36 82  82 HOH HOH A . 
E 4 HOH 37 85  85 HOH HOH A . 
E 4 HOH 38 87  87 HOH HOH A . 
E 4 HOH 39 88  88 HOH HOH A . 
E 4 HOH 40 89  89 HOH HOH A . 
E 4 HOH 41 91  91 HOH HOH A . 
E 4 HOH 42 94  94 HOH HOH A . 
E 4 HOH 43 95  95 HOH HOH A . 
E 4 HOH 44 97  97 HOH HOH A . 
E 4 HOH 45 99  99 HOH HOH A . 
E 4 HOH 46 100 26 HOH MO6 A . 
E 4 HOH 47 101 26 HOH MO6 A . 
E 4 HOH 48 102 26 HOH MO6 A . 
F 4 HOH 1  27  27 HOH HOH B . 
F 4 HOH 2  28  28 HOH HOH B . 
F 4 HOH 3  31  31 HOH HOH B . 
F 4 HOH 4  33  33 HOH HOH B . 
F 4 HOH 5  39  39 HOH HOH B . 
F 4 HOH 6  44  44 HOH HOH B . 
F 4 HOH 7  48  48 HOH HOH B . 
F 4 HOH 8  49  49 HOH HOH B . 
F 4 HOH 9  58  58 HOH HOH B . 
F 4 HOH 10 59  59 HOH HOH B . 
F 4 HOH 11 60  60 HOH HOH B . 
F 4 HOH 12 61  61 HOH HOH B . 
F 4 HOH 13 67  67 HOH HOH B . 
F 4 HOH 14 68  68 HOH HOH B . 
F 4 HOH 15 71  71 HOH HOH B . 
F 4 HOH 16 74  74 HOH HOH B . 
F 4 HOH 17 75  75 HOH HOH B . 
F 4 HOH 18 76  76 HOH HOH B . 
F 4 HOH 19 79  79 HOH HOH B . 
F 4 HOH 20 80  80 HOH HOH B . 
F 4 HOH 21 83  83 HOH HOH B . 
F 4 HOH 22 84  84 HOH HOH B . 
F 4 HOH 23 86  86 HOH HOH B . 
F 4 HOH 24 90  90 HOH HOH B . 
F 4 HOH 25 92  92 HOH HOH B . 
F 4 HOH 26 93  93 HOH HOH B . 
F 4 HOH 27 96  96 HOH HOH B . 
F 4 HOH 28 98  98 HOH HOH B . 
F 4 HOH 29 99  26 HOH MO6 B . 
F 4 HOH 30 100 26 HOH MO6 B . 
F 4 HOH 31 101 26 HOH MO6 B . 
# 
_struct_site_keywords.site_id   1 
_struct_site_keywords.text      'minor groove binder' 
# 
_pdbx_struct_assembly.id                   1 
_pdbx_struct_assembly.details              author_defined_assembly 
_pdbx_struct_assembly.method_details       ? 
_pdbx_struct_assembly.oligomeric_details   dimeric 
_pdbx_struct_assembly.oligomeric_count     2 
# 
_pdbx_struct_assembly_gen.assembly_id       1 
_pdbx_struct_assembly_gen.oper_expression   1 
_pdbx_struct_assembly_gen.asym_id_list      A,B,C,D,E,F 
# 
_pdbx_struct_oper_list.id                   1 
_pdbx_struct_oper_list.type                 'identity operation' 
_pdbx_struct_oper_list.name                 1_555 
_pdbx_struct_oper_list.symmetry_operation   x,y,z 
_pdbx_struct_oper_list.matrix[1][1]         1.0000000000 
_pdbx_struct_oper_list.matrix[1][2]         0.0000000000 
_pdbx_struct_oper_list.matrix[1][3]         0.0000000000 
_pdbx_struct_oper_list.vector[1]            0.0000000000 
_pdbx_struct_oper_list.matrix[2][1]         0.0000000000 
_pdbx_struct_oper_list.matrix[2][2]         1.0000000000 
_pdbx_struct_oper_list.matrix[2][3]         0.0000000000 
_pdbx_struct_oper_list.vector[2]            0.0000000000 
_pdbx_struct_oper_list.matrix[3][1]         0.0000000000 
_pdbx_struct_oper_list.matrix[3][2]         0.0000000000 
_pdbx_struct_oper_list.matrix[3][3]         1.0000000000 
_pdbx_struct_oper_list.vector[3]            0.0000000000 
# 
loop_
_pdbx_struct_conn_angle.id 
_pdbx_struct_conn_angle.ptnr1_label_atom_id 
_pdbx_struct_conn_angle.ptnr1_label_alt_id 
_pdbx_struct_conn_angle.ptnr1_label_asym_id 
_pdbx_struct_conn_angle.ptnr1_label_comp_id 
_pdbx_struct_conn_angle.ptnr1_label_seq_id 
_pdbx_struct_conn_angle.ptnr1_auth_atom_id 
_pdbx_struct_conn_angle.ptnr1_auth_asym_id 
_pdbx_struct_conn_angle.ptnr1_auth_comp_id 
_pdbx_struct_conn_angle.ptnr1_auth_seq_id 
_pdbx_struct_conn_angle.ptnr1_PDB_ins_code 
_pdbx_struct_conn_angle.ptnr1_symmetry 
_pdbx_struct_conn_angle.ptnr2_label_atom_id 
_pdbx_struct_conn_angle.ptnr2_label_alt_id 
_pdbx_struct_conn_angle.ptnr2_label_asym_id 
_pdbx_struct_conn_angle.ptnr2_label_comp_id 
_pdbx_struct_conn_angle.ptnr2_label_seq_id 
_pdbx_struct_conn_angle.ptnr2_auth_atom_id 
_pdbx_struct_conn_angle.ptnr2_auth_asym_id 
_pdbx_struct_conn_angle.ptnr2_auth_comp_id 
_pdbx_struct_conn_angle.ptnr2_auth_seq_id 
_pdbx_struct_conn_angle.ptnr2_PDB_ins_code 
_pdbx_struct_conn_angle.ptnr2_symmetry 
_pdbx_struct_conn_angle.ptnr3_label_atom_id 
_pdbx_struct_conn_angle.ptnr3_label_alt_id 
_pdbx_struct_conn_angle.ptnr3_label_asym_id 
_pdbx_struct_conn_angle.ptnr3_label_comp_id 
_pdbx_struct_conn_angle.ptnr3_label_seq_id 
_pdbx_struct_conn_angle.ptnr3_auth_atom_id 
_pdbx_struct_conn_angle.ptnr3_auth_asym_id 
_pdbx_struct_conn_angle.ptnr3_auth_comp_id 
_pdbx_struct_conn_angle.ptnr3_auth_seq_id 
_pdbx_struct_conn_angle.ptnr3_PDB_ins_code 
_pdbx_struct_conn_angle.ptnr3_symmetry 
_pdbx_struct_conn_angle.value 
_pdbx_struct_conn_angle.value_esd 
1  O ? E HOH . ? A HOH 100 ? 1_555 MG ? D MG . ? A MG 26 ? 1_555 O ? E HOH . ? A HOH 101 ? 1_555 90.0  ? 
2  O ? E HOH . ? A HOH 100 ? 1_555 MG ? D MG . ? A MG 26 ? 1_555 O ? E HOH . ? A HOH 102 ? 1_555 90.1  ? 
3  O ? E HOH . ? A HOH 101 ? 1_555 MG ? D MG . ? A MG 26 ? 1_555 O ? E HOH . ? A HOH 102 ? 1_555 90.1  ? 
4  O ? E HOH . ? A HOH 100 ? 1_555 MG ? D MG . ? A MG 26 ? 1_555 O ? F HOH . ? B HOH 99  ? 1_555 90.1  ? 
5  O ? E HOH . ? A HOH 101 ? 1_555 MG ? D MG . ? A MG 26 ? 1_555 O ? F HOH . ? B HOH 99  ? 1_555 179.9 ? 
6  O ? E HOH . ? A HOH 102 ? 1_555 MG ? D MG . ? A MG 26 ? 1_555 O ? F HOH . ? B HOH 99  ? 1_555 89.9  ? 
7  O ? E HOH . ? A HOH 100 ? 1_555 MG ? D MG . ? A MG 26 ? 1_555 O ? F HOH . ? B HOH 100 ? 1_555 179.9 ? 
8  O ? E HOH . ? A HOH 101 ? 1_555 MG ? D MG . ? A MG 26 ? 1_555 O ? F HOH . ? B HOH 100 ? 1_555 90.0  ? 
9  O ? E HOH . ? A HOH 102 ? 1_555 MG ? D MG . ? A MG 26 ? 1_555 O ? F HOH . ? B HOH 100 ? 1_555 89.9  ? 
10 O ? F HOH . ? B HOH 99  ? 1_555 MG ? D MG . ? A MG 26 ? 1_555 O ? F HOH . ? B HOH 100 ? 1_555 90.0  ? 
11 O ? E HOH . ? A HOH 100 ? 1_555 MG ? D MG . ? A MG 26 ? 1_555 O ? F HOH . ? B HOH 101 ? 1_555 90.0  ? 
12 O ? E HOH . ? A HOH 101 ? 1_555 MG ? D MG . ? A MG 26 ? 1_555 O ? F HOH . ? B HOH 101 ? 1_555 90.0  ? 
13 O ? E HOH . ? A HOH 102 ? 1_555 MG ? D MG . ? A MG 26 ? 1_555 O ? F HOH . ? B HOH 101 ? 1_555 179.8 ? 
14 O ? F HOH . ? B HOH 99  ? 1_555 MG ? D MG . ? A MG 26 ? 1_555 O ? F HOH . ? B HOH 101 ? 1_555 89.9  ? 
15 O ? F HOH . ? B HOH 100 ? 1_555 MG ? D MG . ? A MG 26 ? 1_555 O ? F HOH . ? B HOH 101 ? 1_555 90.0  ? 
# 
loop_
_pdbx_audit_revision_history.ordinal 
_pdbx_audit_revision_history.data_content_type 
_pdbx_audit_revision_history.major_revision 
_pdbx_audit_revision_history.minor_revision 
_pdbx_audit_revision_history.revision_date 
1 'Structure model' 1 0 2007-06-19 
2 'Structure model' 1 1 2007-10-27 
3 'Structure model' 1 2 2011-07-13 
4 'Structure model' 1 3 2017-10-18 
5 'Structure model' 1 4 2019-07-24 
6 'Structure model' 1 5 2023-08-30 
# 
_pdbx_audit_revision_details.ordinal             1 
_pdbx_audit_revision_details.revision_ordinal    1 
_pdbx_audit_revision_details.data_content_type   'Structure model' 
_pdbx_audit_revision_details.provider            repository 
_pdbx_audit_revision_details.type                'Initial release' 
_pdbx_audit_revision_details.description         ? 
_pdbx_audit_revision_details.details             ? 
# 
loop_
_pdbx_audit_revision_group.ordinal 
_pdbx_audit_revision_group.revision_ordinal 
_pdbx_audit_revision_group.data_content_type 
_pdbx_audit_revision_group.group 
1 2 'Structure model' 'Version format compliance' 
2 3 'Structure model' 'Version format compliance' 
3 4 'Structure model' 'Refinement description'    
4 5 'Structure model' 'Data collection'           
5 5 'Structure model' 'Refinement description'    
6 6 'Structure model' 'Data collection'           
7 6 'Structure model' 'Database references'       
8 6 'Structure model' 'Derived calculations'      
9 6 'Structure model' 'Refinement description'    
# 
loop_
_pdbx_audit_revision_category.ordinal 
_pdbx_audit_revision_category.revision_ordinal 
_pdbx_audit_revision_category.data_content_type 
_pdbx_audit_revision_category.category 
1 4 'Structure model' software                      
2 5 'Structure model' software                      
3 6 'Structure model' chem_comp_atom                
4 6 'Structure model' chem_comp_bond                
5 6 'Structure model' database_2                    
6 6 'Structure model' pdbx_initial_refinement_model 
7 6 'Structure model' pdbx_struct_conn_angle        
8 6 'Structure model' struct_conn                   
9 6 'Structure model' struct_site                   
# 
loop_
_pdbx_audit_revision_item.ordinal 
_pdbx_audit_revision_item.revision_ordinal 
_pdbx_audit_revision_item.data_content_type 
_pdbx_audit_revision_item.item 
1  5 'Structure model' '_software.classification'                  
2  5 'Structure model' '_software.name'                            
3  6 'Structure model' '_database_2.pdbx_DOI'                      
4  6 'Structure model' '_database_2.pdbx_database_accession'       
5  6 'Structure model' '_pdbx_struct_conn_angle.ptnr1_auth_seq_id' 
6  6 'Structure model' '_pdbx_struct_conn_angle.ptnr3_auth_seq_id' 
7  6 'Structure model' '_pdbx_struct_conn_angle.value'             
8  6 'Structure model' '_struct_conn.ptnr2_auth_seq_id'            
9  6 'Structure model' '_struct_site.pdbx_auth_asym_id'            
10 6 'Structure model' '_struct_site.pdbx_auth_comp_id'            
11 6 'Structure model' '_struct_site.pdbx_auth_seq_id'             
# 
loop_
_software.name 
_software.classification 
_software.version 
_software.citation_id 
_software.pdbx_ordinal 
SHELXL-97 refinement       . ? 1 
CNS       refinement       . ? 2 
DENZO     'data reduction' . ? 3 
CNS       phasing          . ? 4 
# 
loop_
_chem_comp_atom.comp_id 
_chem_comp_atom.atom_id 
_chem_comp_atom.type_symbol 
_chem_comp_atom.pdbx_aromatic_flag 
_chem_comp_atom.pdbx_stereo_config 
_chem_comp_atom.pdbx_ordinal 
BRN C1     C  Y N 1   
BRN C2     C  Y N 2   
BRN C3     C  Y N 3   
BRN C4     C  Y N 4   
BRN C5     C  Y N 5   
BRN C6     C  Y N 6   
BRN C7     C  N N 7   
BRN NA     N  N N 8   
BRN NB     N  N N 9   
BRN N1     N  N N 10  
BRN N      N  N N 11  
BRN "N1'"  N  N N 12  
BRN "C1'"  C  Y N 13  
BRN "C2'"  C  Y N 14  
BRN "C3'"  C  Y N 15  
BRN "C4'"  C  Y N 16  
BRN "C5'"  C  Y N 17  
BRN "C6'"  C  Y N 18  
BRN "C7'"  C  N N 19  
BRN "NA'"  N  N N 20  
BRN "NB'"  N  N N 21  
BRN H2     H  N N 22  
BRN H3     H  N N 23  
BRN H5     H  N N 24  
BRN H6     H  N N 25  
BRN HA     H  N N 26  
BRN HB1    H  N N 27  
BRN HB2    H  N N 28  
BRN HN1    H  N N 29  
BRN "H2'"  H  N N 30  
BRN "H3'"  H  N N 31  
BRN "H5'"  H  N N 32  
BRN "H6'"  H  N N 33  
BRN "HA'"  H  N N 34  
BRN "HB'1" H  N N 35  
BRN "HB'2" H  N N 36  
DA  OP3    O  N N 37  
DA  P      P  N N 38  
DA  OP1    O  N N 39  
DA  OP2    O  N N 40  
DA  "O5'"  O  N N 41  
DA  "C5'"  C  N N 42  
DA  "C4'"  C  N R 43  
DA  "O4'"  O  N N 44  
DA  "C3'"  C  N S 45  
DA  "O3'"  O  N N 46  
DA  "C2'"  C  N N 47  
DA  "C1'"  C  N R 48  
DA  N9     N  Y N 49  
DA  C8     C  Y N 50  
DA  N7     N  Y N 51  
DA  C5     C  Y N 52  
DA  C6     C  Y N 53  
DA  N6     N  N N 54  
DA  N1     N  Y N 55  
DA  C2     C  Y N 56  
DA  N3     N  Y N 57  
DA  C4     C  Y N 58  
DA  HOP3   H  N N 59  
DA  HOP2   H  N N 60  
DA  "H5'"  H  N N 61  
DA  "H5''" H  N N 62  
DA  "H4'"  H  N N 63  
DA  "H3'"  H  N N 64  
DA  "HO3'" H  N N 65  
DA  "H2'"  H  N N 66  
DA  "H2''" H  N N 67  
DA  "H1'"  H  N N 68  
DA  H8     H  N N 69  
DA  H61    H  N N 70  
DA  H62    H  N N 71  
DA  H2     H  N N 72  
DC  OP3    O  N N 73  
DC  P      P  N N 74  
DC  OP1    O  N N 75  
DC  OP2    O  N N 76  
DC  "O5'"  O  N N 77  
DC  "C5'"  C  N N 78  
DC  "C4'"  C  N R 79  
DC  "O4'"  O  N N 80  
DC  "C3'"  C  N S 81  
DC  "O3'"  O  N N 82  
DC  "C2'"  C  N N 83  
DC  "C1'"  C  N R 84  
DC  N1     N  N N 85  
DC  C2     C  N N 86  
DC  O2     O  N N 87  
DC  N3     N  N N 88  
DC  C4     C  N N 89  
DC  N4     N  N N 90  
DC  C5     C  N N 91  
DC  C6     C  N N 92  
DC  HOP3   H  N N 93  
DC  HOP2   H  N N 94  
DC  "H5'"  H  N N 95  
DC  "H5''" H  N N 96  
DC  "H4'"  H  N N 97  
DC  "H3'"  H  N N 98  
DC  "HO3'" H  N N 99  
DC  "H2'"  H  N N 100 
DC  "H2''" H  N N 101 
DC  "H1'"  H  N N 102 
DC  H41    H  N N 103 
DC  H42    H  N N 104 
DC  H5     H  N N 105 
DC  H6     H  N N 106 
DG  OP3    O  N N 107 
DG  P      P  N N 108 
DG  OP1    O  N N 109 
DG  OP2    O  N N 110 
DG  "O5'"  O  N N 111 
DG  "C5'"  C  N N 112 
DG  "C4'"  C  N R 113 
DG  "O4'"  O  N N 114 
DG  "C3'"  C  N S 115 
DG  "O3'"  O  N N 116 
DG  "C2'"  C  N N 117 
DG  "C1'"  C  N R 118 
DG  N9     N  Y N 119 
DG  C8     C  Y N 120 
DG  N7     N  Y N 121 
DG  C5     C  Y N 122 
DG  C6     C  N N 123 
DG  O6     O  N N 124 
DG  N1     N  N N 125 
DG  C2     C  N N 126 
DG  N2     N  N N 127 
DG  N3     N  N N 128 
DG  C4     C  Y N 129 
DG  HOP3   H  N N 130 
DG  HOP2   H  N N 131 
DG  "H5'"  H  N N 132 
DG  "H5''" H  N N 133 
DG  "H4'"  H  N N 134 
DG  "H3'"  H  N N 135 
DG  "HO3'" H  N N 136 
DG  "H2'"  H  N N 137 
DG  "H2''" H  N N 138 
DG  "H1'"  H  N N 139 
DG  H8     H  N N 140 
DG  H1     H  N N 141 
DG  H21    H  N N 142 
DG  H22    H  N N 143 
DT  OP3    O  N N 144 
DT  P      P  N N 145 
DT  OP1    O  N N 146 
DT  OP2    O  N N 147 
DT  "O5'"  O  N N 148 
DT  "C5'"  C  N N 149 
DT  "C4'"  C  N R 150 
DT  "O4'"  O  N N 151 
DT  "C3'"  C  N S 152 
DT  "O3'"  O  N N 153 
DT  "C2'"  C  N N 154 
DT  "C1'"  C  N R 155 
DT  N1     N  N N 156 
DT  C2     C  N N 157 
DT  O2     O  N N 158 
DT  N3     N  N N 159 
DT  C4     C  N N 160 
DT  O4     O  N N 161 
DT  C5     C  N N 162 
DT  C7     C  N N 163 
DT  C6     C  N N 164 
DT  HOP3   H  N N 165 
DT  HOP2   H  N N 166 
DT  "H5'"  H  N N 167 
DT  "H5''" H  N N 168 
DT  "H4'"  H  N N 169 
DT  "H3'"  H  N N 170 
DT  "HO3'" H  N N 171 
DT  "H2'"  H  N N 172 
DT  "H2''" H  N N 173 
DT  "H1'"  H  N N 174 
DT  H3     H  N N 175 
DT  H71    H  N N 176 
DT  H72    H  N N 177 
DT  H73    H  N N 178 
DT  H6     H  N N 179 
HOH O      O  N N 180 
HOH H1     H  N N 181 
HOH H2     H  N N 182 
MG  MG     MG N N 183 
# 
loop_
_chem_comp_bond.comp_id 
_chem_comp_bond.atom_id_1 
_chem_comp_bond.atom_id_2 
_chem_comp_bond.value_order 
_chem_comp_bond.pdbx_aromatic_flag 
_chem_comp_bond.pdbx_stereo_config 
_chem_comp_bond.pdbx_ordinal 
BRN C1    C2     doub Y N 1   
BRN C1    C6     sing Y N 2   
BRN C1    N1     sing N N 3   
BRN C2    C3     sing Y N 4   
BRN C2    H2     sing N N 5   
BRN C3    C4     doub Y N 6   
BRN C3    H3     sing N N 7   
BRN C4    C5     sing Y N 8   
BRN C4    C7     sing N N 9   
BRN C5    C6     doub Y N 10  
BRN C5    H5     sing N N 11  
BRN C6    H6     sing N N 12  
BRN C7    NA     doub N N 13  
BRN C7    NB     sing N N 14  
BRN NA    HA     sing N N 15  
BRN NB    HB1    sing N N 16  
BRN NB    HB2    sing N N 17  
BRN N1    N      sing N N 18  
BRN N1    HN1    sing N N 19  
BRN N     "N1'"  doub N E 20  
BRN "N1'" "C1'"  sing N N 21  
BRN "C1'" "C2'"  doub Y N 22  
BRN "C1'" "C6'"  sing Y N 23  
BRN "C2'" "C3'"  sing Y N 24  
BRN "C2'" "H2'"  sing N N 25  
BRN "C3'" "C4'"  doub Y N 26  
BRN "C3'" "H3'"  sing N N 27  
BRN "C4'" "C5'"  sing Y N 28  
BRN "C4'" "C7'"  sing N N 29  
BRN "C5'" "C6'"  doub Y N 30  
BRN "C5'" "H5'"  sing N N 31  
BRN "C6'" "H6'"  sing N N 32  
BRN "C7'" "NA'"  doub N N 33  
BRN "C7'" "NB'"  sing N N 34  
BRN "NA'" "HA'"  sing N N 35  
BRN "NB'" "HB'1" sing N N 36  
BRN "NB'" "HB'2" sing N N 37  
DA  OP3   P      sing N N 38  
DA  OP3   HOP3   sing N N 39  
DA  P     OP1    doub N N 40  
DA  P     OP2    sing N N 41  
DA  P     "O5'"  sing N N 42  
DA  OP2   HOP2   sing N N 43  
DA  "O5'" "C5'"  sing N N 44  
DA  "C5'" "C4'"  sing N N 45  
DA  "C5'" "H5'"  sing N N 46  
DA  "C5'" "H5''" sing N N 47  
DA  "C4'" "O4'"  sing N N 48  
DA  "C4'" "C3'"  sing N N 49  
DA  "C4'" "H4'"  sing N N 50  
DA  "O4'" "C1'"  sing N N 51  
DA  "C3'" "O3'"  sing N N 52  
DA  "C3'" "C2'"  sing N N 53  
DA  "C3'" "H3'"  sing N N 54  
DA  "O3'" "HO3'" sing N N 55  
DA  "C2'" "C1'"  sing N N 56  
DA  "C2'" "H2'"  sing N N 57  
DA  "C2'" "H2''" sing N N 58  
DA  "C1'" N9     sing N N 59  
DA  "C1'" "H1'"  sing N N 60  
DA  N9    C8     sing Y N 61  
DA  N9    C4     sing Y N 62  
DA  C8    N7     doub Y N 63  
DA  C8    H8     sing N N 64  
DA  N7    C5     sing Y N 65  
DA  C5    C6     sing Y N 66  
DA  C5    C4     doub Y N 67  
DA  C6    N6     sing N N 68  
DA  C6    N1     doub Y N 69  
DA  N6    H61    sing N N 70  
DA  N6    H62    sing N N 71  
DA  N1    C2     sing Y N 72  
DA  C2    N3     doub Y N 73  
DA  C2    H2     sing N N 74  
DA  N3    C4     sing Y N 75  
DC  OP3   P      sing N N 76  
DC  OP3   HOP3   sing N N 77  
DC  P     OP1    doub N N 78  
DC  P     OP2    sing N N 79  
DC  P     "O5'"  sing N N 80  
DC  OP2   HOP2   sing N N 81  
DC  "O5'" "C5'"  sing N N 82  
DC  "C5'" "C4'"  sing N N 83  
DC  "C5'" "H5'"  sing N N 84  
DC  "C5'" "H5''" sing N N 85  
DC  "C4'" "O4'"  sing N N 86  
DC  "C4'" "C3'"  sing N N 87  
DC  "C4'" "H4'"  sing N N 88  
DC  "O4'" "C1'"  sing N N 89  
DC  "C3'" "O3'"  sing N N 90  
DC  "C3'" "C2'"  sing N N 91  
DC  "C3'" "H3'"  sing N N 92  
DC  "O3'" "HO3'" sing N N 93  
DC  "C2'" "C1'"  sing N N 94  
DC  "C2'" "H2'"  sing N N 95  
DC  "C2'" "H2''" sing N N 96  
DC  "C1'" N1     sing N N 97  
DC  "C1'" "H1'"  sing N N 98  
DC  N1    C2     sing N N 99  
DC  N1    C6     sing N N 100 
DC  C2    O2     doub N N 101 
DC  C2    N3     sing N N 102 
DC  N3    C4     doub N N 103 
DC  C4    N4     sing N N 104 
DC  C4    C5     sing N N 105 
DC  N4    H41    sing N N 106 
DC  N4    H42    sing N N 107 
DC  C5    C6     doub N N 108 
DC  C5    H5     sing N N 109 
DC  C6    H6     sing N N 110 
DG  OP3   P      sing N N 111 
DG  OP3   HOP3   sing N N 112 
DG  P     OP1    doub N N 113 
DG  P     OP2    sing N N 114 
DG  P     "O5'"  sing N N 115 
DG  OP2   HOP2   sing N N 116 
DG  "O5'" "C5'"  sing N N 117 
DG  "C5'" "C4'"  sing N N 118 
DG  "C5'" "H5'"  sing N N 119 
DG  "C5'" "H5''" sing N N 120 
DG  "C4'" "O4'"  sing N N 121 
DG  "C4'" "C3'"  sing N N 122 
DG  "C4'" "H4'"  sing N N 123 
DG  "O4'" "C1'"  sing N N 124 
DG  "C3'" "O3'"  sing N N 125 
DG  "C3'" "C2'"  sing N N 126 
DG  "C3'" "H3'"  sing N N 127 
DG  "O3'" "HO3'" sing N N 128 
DG  "C2'" "C1'"  sing N N 129 
DG  "C2'" "H2'"  sing N N 130 
DG  "C2'" "H2''" sing N N 131 
DG  "C1'" N9     sing N N 132 
DG  "C1'" "H1'"  sing N N 133 
DG  N9    C8     sing Y N 134 
DG  N9    C4     sing Y N 135 
DG  C8    N7     doub Y N 136 
DG  C8    H8     sing N N 137 
DG  N7    C5     sing Y N 138 
DG  C5    C6     sing N N 139 
DG  C5    C4     doub Y N 140 
DG  C6    O6     doub N N 141 
DG  C6    N1     sing N N 142 
DG  N1    C2     sing N N 143 
DG  N1    H1     sing N N 144 
DG  C2    N2     sing N N 145 
DG  C2    N3     doub N N 146 
DG  N2    H21    sing N N 147 
DG  N2    H22    sing N N 148 
DG  N3    C4     sing N N 149 
DT  OP3   P      sing N N 150 
DT  OP3   HOP3   sing N N 151 
DT  P     OP1    doub N N 152 
DT  P     OP2    sing N N 153 
DT  P     "O5'"  sing N N 154 
DT  OP2   HOP2   sing N N 155 
DT  "O5'" "C5'"  sing N N 156 
DT  "C5'" "C4'"  sing N N 157 
DT  "C5'" "H5'"  sing N N 158 
DT  "C5'" "H5''" sing N N 159 
DT  "C4'" "O4'"  sing N N 160 
DT  "C4'" "C3'"  sing N N 161 
DT  "C4'" "H4'"  sing N N 162 
DT  "O4'" "C1'"  sing N N 163 
DT  "C3'" "O3'"  sing N N 164 
DT  "C3'" "C2'"  sing N N 165 
DT  "C3'" "H3'"  sing N N 166 
DT  "O3'" "HO3'" sing N N 167 
DT  "C2'" "C1'"  sing N N 168 
DT  "C2'" "H2'"  sing N N 169 
DT  "C2'" "H2''" sing N N 170 
DT  "C1'" N1     sing N N 171 
DT  "C1'" "H1'"  sing N N 172 
DT  N1    C2     sing N N 173 
DT  N1    C6     sing N N 174 
DT  C2    O2     doub N N 175 
DT  C2    N3     sing N N 176 
DT  N3    C4     sing N N 177 
DT  N3    H3     sing N N 178 
DT  C4    O4     doub N N 179 
DT  C4    C5     sing N N 180 
DT  C5    C7     sing N N 181 
DT  C5    C6     doub N N 182 
DT  C7    H71    sing N N 183 
DT  C7    H72    sing N N 184 
DT  C7    H73    sing N N 185 
DT  C6    H6     sing N N 186 
HOH O     H1     sing N N 187 
HOH O     H2     sing N N 188 
# 
loop_
_ndb_struct_conf_na.entry_id 
_ndb_struct_conf_na.feature 
2GVR 'double helix'        
2GVR 'b-form double helix' 
# 
loop_
_ndb_struct_na_base_pair.model_number 
_ndb_struct_na_base_pair.i_label_asym_id 
_ndb_struct_na_base_pair.i_label_comp_id 
_ndb_struct_na_base_pair.i_label_seq_id 
_ndb_struct_na_base_pair.i_symmetry 
_ndb_struct_na_base_pair.j_label_asym_id 
_ndb_struct_na_base_pair.j_label_comp_id 
_ndb_struct_na_base_pair.j_label_seq_id 
_ndb_struct_na_base_pair.j_symmetry 
_ndb_struct_na_base_pair.shear 
_ndb_struct_na_base_pair.stretch 
_ndb_struct_na_base_pair.stagger 
_ndb_struct_na_base_pair.buckle 
_ndb_struct_na_base_pair.propeller 
_ndb_struct_na_base_pair.opening 
_ndb_struct_na_base_pair.pair_number 
_ndb_struct_na_base_pair.pair_name 
_ndb_struct_na_base_pair.i_auth_asym_id 
_ndb_struct_na_base_pair.i_auth_seq_id 
_ndb_struct_na_base_pair.i_PDB_ins_code 
_ndb_struct_na_base_pair.j_auth_asym_id 
_ndb_struct_na_base_pair.j_auth_seq_id 
_ndb_struct_na_base_pair.j_PDB_ins_code 
_ndb_struct_na_base_pair.hbond_type_28 
_ndb_struct_na_base_pair.hbond_type_12 
1 A DC 1  1_555 B DG 12 1_555 0.189  -0.236 0.308  -1.138  -17.647 1.455  1  A_DC1:DG24_B  A 1  ? B 24 ? 19 1 
1 A DG 2  1_555 B DC 11 1_555 -0.106 -0.141 0.416  3.770   -6.143  -4.243 2  A_DG2:DC23_B  A 2  ? B 23 ? 19 1 
1 A DC 3  1_555 B DG 10 1_555 0.123  -0.148 0.208  -2.859  -7.607  1.122  3  A_DC3:DG22_B  A 3  ? B 22 ? 19 1 
1 A DG 4  1_555 B DC 9  1_555 -0.192 -0.031 0.179  14.165  -12.180 -0.010 4  A_DG4:DC21_B  A 4  ? B 21 ? 19 1 
1 A DA 5  1_555 B DT 8  1_555 0.086  -0.092 0.049  6.817   -22.398 2.443  5  A_DA5:DT20_B  A 5  ? B 20 ? 20 1 
1 A DA 6  1_555 B DT 7  1_555 0.184  -0.050 0.114  1.291   -22.296 6.945  6  A_DA6:DT19_B  A 6  ? B 19 ? 20 1 
1 A DT 7  1_555 B DA 6  1_555 -0.192 -0.128 0.328  -4.570  -21.287 6.069  7  A_DT7:DA18_B  A 7  ? B 18 ? 20 1 
1 A DT 8  1_555 B DA 5  1_555 -0.099 -0.143 0.070  -4.138  -20.176 3.479  8  A_DT8:DA17_B  A 8  ? B 17 ? 20 1 
1 A DC 9  1_555 B DG 4  1_555 0.287  -0.026 0.396  -17.853 -14.652 0.402  9  A_DC9:DG16_B  A 9  ? B 16 ? 19 1 
1 A DG 10 1_555 B DC 3  1_555 0.032  -0.246 0.258  8.358   -6.183  2.835  10 A_DG10:DC15_B A 10 ? B 15 ? 19 1 
1 A DC 11 1_555 B DG 2  1_555 0.168  -0.132 0.076  9.313   -31.489 -3.989 11 A_DC11:DG14_B A 11 ? B 14 ? 19 1 
1 A DG 12 1_555 B DC 1  1_555 -0.313 -0.241 -0.092 12.281  20.484  -2.449 12 A_DG12:DC13_B A 12 ? B 13 ? 19 1 
# 
loop_
_ndb_struct_na_base_pair_step.model_number 
_ndb_struct_na_base_pair_step.i_label_asym_id_1 
_ndb_struct_na_base_pair_step.i_label_comp_id_1 
_ndb_struct_na_base_pair_step.i_label_seq_id_1 
_ndb_struct_na_base_pair_step.i_symmetry_1 
_ndb_struct_na_base_pair_step.j_label_asym_id_1 
_ndb_struct_na_base_pair_step.j_label_comp_id_1 
_ndb_struct_na_base_pair_step.j_label_seq_id_1 
_ndb_struct_na_base_pair_step.j_symmetry_1 
_ndb_struct_na_base_pair_step.i_label_asym_id_2 
_ndb_struct_na_base_pair_step.i_label_comp_id_2 
_ndb_struct_na_base_pair_step.i_label_seq_id_2 
_ndb_struct_na_base_pair_step.i_symmetry_2 
_ndb_struct_na_base_pair_step.j_label_asym_id_2 
_ndb_struct_na_base_pair_step.j_label_comp_id_2 
_ndb_struct_na_base_pair_step.j_label_seq_id_2 
_ndb_struct_na_base_pair_step.j_symmetry_2 
_ndb_struct_na_base_pair_step.shift 
_ndb_struct_na_base_pair_step.slide 
_ndb_struct_na_base_pair_step.rise 
_ndb_struct_na_base_pair_step.tilt 
_ndb_struct_na_base_pair_step.roll 
_ndb_struct_na_base_pair_step.twist 
_ndb_struct_na_base_pair_step.x_displacement 
_ndb_struct_na_base_pair_step.y_displacement 
_ndb_struct_na_base_pair_step.helical_rise 
_ndb_struct_na_base_pair_step.inclination 
_ndb_struct_na_base_pair_step.tip 
_ndb_struct_na_base_pair_step.helical_twist 
_ndb_struct_na_base_pair_step.step_number 
_ndb_struct_na_base_pair_step.step_name 
_ndb_struct_na_base_pair_step.i_auth_asym_id_1 
_ndb_struct_na_base_pair_step.i_auth_seq_id_1 
_ndb_struct_na_base_pair_step.i_PDB_ins_code_1 
_ndb_struct_na_base_pair_step.j_auth_asym_id_1 
_ndb_struct_na_base_pair_step.j_auth_seq_id_1 
_ndb_struct_na_base_pair_step.j_PDB_ins_code_1 
_ndb_struct_na_base_pair_step.i_auth_asym_id_2 
_ndb_struct_na_base_pair_step.i_auth_seq_id_2 
_ndb_struct_na_base_pair_step.i_PDB_ins_code_2 
_ndb_struct_na_base_pair_step.j_auth_asym_id_2 
_ndb_struct_na_base_pair_step.j_auth_seq_id_2 
_ndb_struct_na_base_pair_step.j_PDB_ins_code_2 
1 A DC 1  1_555 B DG 12 1_555 A DG 2  1_555 B DC 11 1_555 -0.351 -0.032 3.174 -0.128 6.208   33.967 -0.987 0.573  3.121 10.517  
0.217  34.514 1  AA_DC1DG2:DC23DG24_BB   A 1  ? B 24 ? A 2  ? B 23 ? 
1 A DG 2  1_555 B DC 11 1_555 A DC 3  1_555 B DG 10 1_555 0.897  0.578  3.450 3.331  -2.918  40.442 1.174  -0.899 3.462 -4.206  
-4.801 40.673 2  AA_DG2DC3:DG22DC23_BB   A 2  ? B 23 ? A 3  ? B 22 ? 
1 A DC 3  1_555 B DG 10 1_555 A DG 4  1_555 B DC 9  1_555 -0.494 0.635  3.037 1.428  11.011  27.478 -1.003 1.258  3.033 22.073  
-2.863 29.596 3  AA_DC3DG4:DC21DG22_BB   A 3  ? B 22 ? A 4  ? B 21 ? 
1 A DG 4  1_555 B DC 9  1_555 A DA 5  1_555 B DT 8  1_555 0.016  -0.011 3.481 -0.145 1.881   38.059 -0.270 -0.045 3.476 2.882   
0.223  38.104 4  AA_DG4DA5:DT20DC21_BB   A 4  ? B 21 ? A 5  ? B 20 ? 
1 A DA 5  1_555 B DT 8  1_555 A DA 6  1_555 B DT 7  1_555 0.261  -0.415 3.376 -0.302 2.323   36.121 -1.004 -0.463 3.342 3.742   
0.486  36.194 5  AA_DA5DA6:DT19DT20_BB   A 5  ? B 20 ? A 6  ? B 19 ? 
1 A DA 6  1_555 B DT 7  1_555 A DT 7  1_555 B DA 6  1_555 -0.046 -0.668 3.262 -2.153 0.379   30.418 -1.345 -0.339 3.249 0.721   
4.096  30.494 6  AA_DA6DT7:DA18DT19_BB   A 6  ? B 19 ? A 7  ? B 18 ? 
1 A DT 7  1_555 B DA 6  1_555 A DT 8  1_555 B DA 5  1_555 -0.274 -0.343 3.156 2.005  -1.411  36.184 -0.360 0.712  3.148 -2.268  
-3.224 36.264 7  AA_DT7DT8:DA17DA18_BB   A 7  ? B 18 ? A 8  ? B 17 ? 
1 A DT 8  1_555 B DA 5  1_555 A DC 9  1_555 B DG 4  1_555 -0.099 0.062  3.625 -0.505 -4.258  41.287 0.589  0.080  3.603 -6.019  
0.715  41.499 8  AA_DT8DC9:DG16DA17_BB   A 8  ? B 17 ? A 9  ? B 16 ? 
1 A DC 9  1_555 B DG 4  1_555 A DG 10 1_555 B DC 3  1_555 0.516  1.017  2.832 0.462  7.984   27.976 0.430  -0.936 3.009 16.103  
-0.932 29.075 9  AA_DC9DG10:DC15DG16_BB  A 9  ? B 16 ? A 10 ? B 15 ? 
1 A DG 10 1_555 B DC 3  1_555 A DC 11 1_555 B DG 2  1_555 -0.966 1.026  3.408 -1.212 -18.173 43.920 2.741  1.105  2.822 -23.151 
1.545  47.373 10 AA_DG10DC11:DG14DC15_BB A 10 ? B 15 ? A 11 ? B 14 ? 
1 A DC 11 1_555 B DG 2  1_555 A DG 12 1_555 B DC 1  1_555 1.647  0.619  3.519 4.138  -7.448  33.801 2.265  -2.067 3.480 -12.563 
-6.981 34.828 11 AA_DC11DG12:DC13DG14_BB A 11 ? B 14 ? A 12 ? B 13 ? 
# 
loop_
_pdbx_entity_nonpoly.entity_id 
_pdbx_entity_nonpoly.name 
_pdbx_entity_nonpoly.comp_id 
2 BERENIL         BRN 
3 'MAGNESIUM ION' MG  
4 water           HOH 
# 
_pdbx_initial_refinement_model.id               1 
_pdbx_initial_refinement_model.entity_id_list   ? 
_pdbx_initial_refinement_model.type             'experimental model' 
_pdbx_initial_refinement_model.source_name      PDB 
_pdbx_initial_refinement_model.accession_code   2DBE 
_pdbx_initial_refinement_model.details          'DNA PART OF NDB ENTRY GDL009 OR PDB ENTRY 2DBE.' 
# 
